data_1EWV
#
_entry.id   1EWV
#
_cell.length_a   84.790
_cell.length_b   94.530
_cell.length_c   95.450
_cell.angle_alpha   90.00
_cell.angle_beta   113.20
_cell.angle_gamma   90.00
#
_symmetry.space_group_name_H-M   'P 1 21 1'
#
_entity_poly.entity_id   1
_entity_poly.type   'polypeptide(L)'
_entity_poly.pdbx_seq_one_letter_code
;SSQRSVARMDGDVIIGALFSVHHQPPAEKVPERKCGEIREQYGIQRVEAMFHTLDKINADPVLLPNITLGSEIRDSCWHS
SVALEQSIEFIRDSLISIRDEKDGLNRCLPDGQTLPPGRTKKPIAGVIGPGSSSVAIQVQNLLQLFDIPQIAYSATSIDL
SDKTLYKYFLRVVPSDTLQARAMLDIVKRYNWTYVSAVHTEGNYGESGMDAFKELAAQEGLCIAHSDKIYSNAGEKSFDR
LLRKLRERLPKARVVVCFCEGMTVRGLLSAMRRLGVVGEFSLIGSDGWADRDEVIEGYEVEANGGITIKLQSPEVRSFDD
YFLKLRLDTNTRNPWFPEFWQHRFQCRLPGHLLENPNFKKVCTGNESLEENYVQDSKMGFVINAIYAMAHGLQNMHHALC
PGHVGLCDAMKPIDGRKLLDFLIKSSFVGVSGEEVWFDEKGDAPGRYDIMNLQYTEANRYDYVHVGTWHEGVLNIDDYKI
QMNKSGMVRS
;
_entity_poly.pdbx_strand_id   A,B
#
# COMPACT_ATOMS: atom_id res chain seq x y z
N ARG A 4 18.29 -14.90 6.71
CA ARG A 4 17.16 -15.87 6.48
C ARG A 4 17.62 -16.90 5.47
N SER A 5 17.15 -18.14 5.64
CA SER A 5 17.47 -19.30 4.78
C SER A 5 16.87 -19.29 3.37
N VAL A 6 17.73 -19.58 2.39
CA VAL A 6 17.36 -19.62 0.98
C VAL A 6 17.60 -20.97 0.34
N ALA A 7 16.79 -21.28 -0.66
CA ALA A 7 16.94 -22.53 -1.39
C ALA A 7 17.60 -22.13 -2.71
N ARG A 8 18.89 -22.46 -2.86
CA ARG A 8 19.64 -22.08 -4.03
C ARG A 8 19.89 -23.27 -4.95
N MET A 9 20.11 -22.91 -6.21
CA MET A 9 20.55 -23.87 -7.22
C MET A 9 21.34 -23.10 -8.28
N ASP A 10 22.54 -23.60 -8.61
CA ASP A 10 23.36 -22.87 -9.55
C ASP A 10 22.89 -23.07 -10.99
N GLY A 11 23.29 -22.13 -11.86
CA GLY A 11 22.89 -22.24 -13.26
C GLY A 11 23.50 -21.12 -14.10
N ASP A 12 23.49 -21.26 -15.43
CA ASP A 12 24.06 -20.23 -16.30
C ASP A 12 23.17 -19.01 -16.22
N VAL A 13 21.87 -19.25 -16.02
CA VAL A 13 20.87 -18.21 -15.89
C VAL A 13 20.28 -18.30 -14.48
N ILE A 14 19.86 -17.17 -13.93
CA ILE A 14 19.30 -17.17 -12.59
C ILE A 14 17.94 -16.53 -12.51
N ILE A 15 16.95 -17.34 -12.16
CA ILE A 15 15.59 -16.88 -12.04
C ILE A 15 15.17 -16.96 -10.58
N GLY A 16 14.90 -15.79 -9.98
CA GLY A 16 14.50 -15.76 -8.58
C GLY A 16 13.02 -15.94 -8.40
N ALA A 17 12.60 -16.39 -7.21
CA ALA A 17 11.19 -16.61 -6.93
C ALA A 17 10.87 -16.39 -5.46
N LEU A 18 9.59 -16.11 -5.18
CA LEU A 18 9.15 -15.88 -3.81
C LEU A 18 7.93 -16.72 -3.45
N PHE A 19 8.14 -17.79 -2.68
CA PHE A 19 7.05 -18.68 -2.26
C PHE A 19 6.79 -18.50 -0.77
N SER A 20 5.55 -18.69 -0.37
CA SER A 20 5.23 -18.58 1.05
C SER A 20 5.53 -19.90 1.75
N VAL A 21 6.70 -19.94 2.43
CA VAL A 21 7.11 -21.20 3.06
C VAL A 21 6.72 -21.24 4.55
N HIS A 22 6.60 -20.06 5.15
CA HIS A 22 6.00 -19.97 6.45
C HIS A 22 4.71 -19.16 6.38
N HIS A 23 3.80 -19.38 7.34
CA HIS A 23 2.66 -18.49 7.39
C HIS A 23 3.13 -17.07 7.71
N GLN A 24 2.22 -16.09 7.56
CA GLN A 24 2.65 -14.73 7.85
C GLN A 24 3.18 -14.61 9.28
N PRO A 25 3.96 -13.55 9.51
CA PRO A 25 4.47 -13.26 10.84
C PRO A 25 3.32 -12.86 11.78
N PRO A 26 3.39 -13.36 13.02
CA PRO A 26 2.46 -12.96 14.06
C PRO A 26 2.45 -11.45 14.29
N ALA A 27 1.30 -10.95 14.74
CA ALA A 27 1.14 -9.51 14.93
C ALA A 27 2.40 -8.84 15.48
N GLU A 28 2.68 -9.11 16.76
CA GLU A 28 3.68 -8.32 17.46
C GLU A 28 5.10 -8.46 16.89
N LYS A 29 5.29 -9.39 15.94
CA LYS A 29 6.66 -9.66 15.51
C LYS A 29 7.02 -9.02 14.15
N VAL A 30 6.09 -8.21 13.63
CA VAL A 30 6.21 -7.72 12.26
C VAL A 30 7.38 -6.75 12.01
N PRO A 31 7.93 -6.18 13.10
CA PRO A 31 9.08 -5.27 13.01
C PRO A 31 10.42 -6.01 12.81
N GLU A 32 10.55 -7.07 13.61
CA GLU A 32 11.73 -7.93 13.52
C GLU A 32 11.56 -8.95 12.40
N ARG A 33 10.30 -9.14 12.00
CA ARG A 33 9.99 -10.00 10.86
C ARG A 33 10.29 -11.47 11.15
N LYS A 34 9.75 -11.95 12.29
CA LYS A 34 9.72 -13.39 12.52
C LYS A 34 8.44 -13.99 11.92
N CYS A 35 8.64 -14.77 10.83
CA CYS A 35 7.53 -15.33 10.06
C CYS A 35 6.81 -16.45 10.80
N GLY A 36 5.53 -16.67 10.44
CA GLY A 36 4.68 -17.69 11.03
C GLY A 36 5.21 -19.10 10.74
N GLU A 37 4.34 -20.09 10.98
CA GLU A 37 4.81 -21.47 10.86
C GLU A 37 4.89 -21.97 9.41
N ILE A 38 5.56 -23.13 9.27
CA ILE A 38 5.84 -23.68 7.96
C ILE A 38 4.56 -24.13 7.24
N ARG A 39 4.60 -24.09 5.89
CA ARG A 39 3.48 -24.60 5.10
C ARG A 39 3.94 -25.71 4.17
N GLU A 40 2.97 -26.49 3.66
CA GLU A 40 3.31 -27.52 2.68
C GLU A 40 2.84 -27.16 1.25
N GLN A 41 1.55 -26.73 1.14
CA GLN A 41 0.91 -26.55 -0.17
C GLN A 41 1.32 -25.24 -0.83
N TYR A 42 1.19 -24.14 -0.06
CA TYR A 42 1.68 -22.89 -0.63
C TYR A 42 3.19 -22.78 -0.46
N GLY A 43 3.75 -23.67 0.41
CA GLY A 43 5.15 -23.57 0.83
C GLY A 43 6.05 -24.66 0.22
N ILE A 44 6.19 -25.79 0.96
CA ILE A 44 7.21 -26.78 0.59
C ILE A 44 7.04 -27.35 -0.82
N GLN A 45 5.77 -27.60 -1.19
CA GLN A 45 5.51 -28.13 -2.52
C GLN A 45 5.96 -27.16 -3.61
N ARG A 46 5.81 -25.86 -3.36
CA ARG A 46 6.15 -24.85 -4.35
C ARG A 46 7.64 -24.61 -4.45
N VAL A 47 8.37 -25.10 -3.46
CA VAL A 47 9.82 -24.97 -3.49
C VAL A 47 10.36 -26.25 -4.12
N GLU A 48 9.77 -27.37 -3.76
CA GLU A 48 10.16 -28.65 -4.32
C GLU A 48 9.65 -28.75 -5.75
N ALA A 49 8.70 -27.86 -6.08
CA ALA A 49 8.13 -27.83 -7.42
C ALA A 49 8.93 -26.87 -8.28
N MET A 50 9.50 -25.85 -7.66
CA MET A 50 10.31 -24.90 -8.40
C MET A 50 11.60 -25.59 -8.79
N PHE A 51 12.06 -26.51 -7.93
CA PHE A 51 13.28 -27.24 -8.21
C PHE A 51 13.01 -28.30 -9.28
N HIS A 52 12.05 -29.17 -8.96
CA HIS A 52 11.73 -30.29 -9.85
C HIS A 52 11.63 -29.86 -11.32
N THR A 53 10.84 -28.79 -11.56
CA THR A 53 10.63 -28.37 -12.94
C THR A 53 11.88 -27.76 -13.59
N LEU A 54 12.81 -27.34 -12.71
CA LEU A 54 14.03 -26.69 -13.21
C LEU A 54 15.13 -27.71 -13.57
N ASP A 55 15.14 -28.83 -12.80
CA ASP A 55 16.06 -29.91 -13.16
C ASP A 55 15.63 -30.53 -14.48
N LYS A 56 14.30 -30.60 -14.66
CA LYS A 56 13.74 -31.17 -15.89
C LYS A 56 13.90 -30.23 -17.08
N ILE A 57 13.59 -28.94 -16.88
CA ILE A 57 13.77 -27.98 -17.97
C ILE A 57 15.19 -28.09 -18.54
N ASN A 58 16.17 -27.97 -17.63
CA ASN A 58 17.58 -27.95 -18.02
C ASN A 58 18.01 -29.23 -18.74
N ALA A 59 17.38 -30.35 -18.35
CA ALA A 59 17.79 -31.64 -18.92
C ALA A 59 17.10 -31.89 -20.26
N ASP A 60 16.13 -31.01 -20.57
CA ASP A 60 15.46 -31.07 -21.86
C ASP A 60 16.36 -30.51 -22.96
N PRO A 61 16.65 -31.36 -23.96
CA PRO A 61 17.59 -31.03 -25.02
C PRO A 61 17.09 -29.92 -25.96
N VAL A 62 15.76 -29.72 -25.95
CA VAL A 62 15.19 -28.72 -26.87
C VAL A 62 15.20 -27.25 -26.46
N LEU A 63 14.71 -27.00 -25.25
CA LEU A 63 14.60 -25.66 -24.73
C LEU A 63 15.87 -25.30 -23.99
N LEU A 64 16.51 -24.24 -24.45
CA LEU A 64 17.77 -23.81 -23.84
C LEU A 64 18.72 -25.00 -23.88
N PRO A 65 19.01 -25.51 -25.09
CA PRO A 65 19.89 -26.66 -25.27
C PRO A 65 21.14 -26.60 -24.38
N ASN A 66 22.02 -25.60 -24.62
CA ASN A 66 23.23 -25.53 -23.80
C ASN A 66 23.22 -24.36 -22.81
N ILE A 67 22.04 -24.11 -22.22
CA ILE A 67 21.91 -23.04 -21.24
C ILE A 67 21.21 -23.53 -19.96
N THR A 68 22.00 -23.66 -18.87
CA THR A 68 21.42 -24.16 -17.61
C THR A 68 20.75 -23.06 -16.78
N LEU A 69 19.59 -23.39 -16.22
CA LEU A 69 18.84 -22.44 -15.39
C LEU A 69 19.05 -22.58 -13.90
N GLY A 70 19.22 -21.44 -13.24
CA GLY A 70 19.41 -21.44 -11.80
C GLY A 70 18.36 -20.58 -11.16
N SER A 71 18.21 -20.70 -9.85
CA SER A 71 17.21 -19.91 -9.18
C SER A 71 17.65 -19.60 -7.78
N GLU A 72 16.99 -18.60 -7.22
CA GLU A 72 17.20 -18.09 -5.87
C GLU A 72 15.82 -18.06 -5.24
N ILE A 73 15.45 -19.13 -4.56
CA ILE A 73 14.14 -19.21 -3.98
C ILE A 73 14.09 -18.67 -2.58
N ARG A 74 13.37 -17.57 -2.38
CA ARG A 74 13.28 -16.97 -1.04
C ARG A 74 11.84 -17.00 -0.47
N ASP A 75 11.75 -16.89 0.89
CA ASP A 75 10.48 -17.00 1.59
C ASP A 75 9.76 -15.64 1.72
N SER A 76 8.42 -15.67 1.43
CA SER A 76 7.63 -14.43 1.32
C SER A 76 6.80 -14.13 2.58
N CYS A 77 6.32 -15.21 3.24
CA CYS A 77 5.50 -15.06 4.45
C CYS A 77 4.19 -14.28 4.22
N TRP A 78 3.79 -14.16 2.95
CA TRP A 78 2.53 -13.46 2.64
C TRP A 78 2.48 -12.06 3.26
N HIS A 79 3.63 -11.35 3.19
CA HIS A 79 3.69 -10.03 3.80
C HIS A 79 4.81 -9.13 3.22
N SER A 80 4.40 -7.91 2.83
CA SER A 80 5.29 -6.98 2.11
C SER A 80 6.70 -6.88 2.70
N SER A 81 6.76 -6.78 4.04
CA SER A 81 8.05 -6.54 4.69
C SER A 81 9.02 -7.69 4.45
N VAL A 82 8.58 -8.90 4.81
CA VAL A 82 9.39 -10.08 4.54
C VAL A 82 9.67 -10.20 3.04
N ALA A 83 8.69 -9.73 2.24
CA ALA A 83 8.82 -9.79 0.80
C ALA A 83 9.81 -8.74 0.28
N LEU A 84 9.54 -7.47 0.62
CA LEU A 84 10.49 -6.43 0.24
C LEU A 84 11.88 -6.70 0.81
N GLU A 85 11.91 -7.29 2.02
CA GLU A 85 13.20 -7.70 2.57
C GLU A 85 13.95 -8.60 1.60
N GLN A 86 13.29 -9.75 1.29
CA GLN A 86 13.90 -10.70 0.38
C GLN A 86 14.08 -10.11 -1.02
N SER A 87 13.16 -9.27 -1.47
CA SER A 87 13.30 -8.70 -2.81
C SER A 87 14.52 -7.83 -2.87
N ILE A 88 14.86 -7.18 -1.77
CA ILE A 88 16.05 -6.35 -1.74
C ILE A 88 17.28 -7.25 -1.85
N GLU A 89 17.15 -8.48 -1.37
CA GLU A 89 18.30 -9.38 -1.40
C GLU A 89 18.69 -9.77 -2.84
N PHE A 90 17.75 -9.51 -3.76
CA PHE A 90 18.07 -9.84 -5.14
C PHE A 90 19.07 -8.84 -5.77
N ILE A 91 19.16 -7.62 -5.19
CA ILE A 91 19.98 -6.57 -5.83
C ILE A 91 21.26 -6.19 -5.09
N ARG A 92 21.50 -6.77 -3.90
CA ARG A 92 22.72 -6.41 -3.19
C ARG A 92 23.98 -6.68 -4.02
N LYS A 122 25.85 -13.47 -9.02
CA LYS A 122 25.12 -13.29 -10.27
C LYS A 122 23.79 -12.55 -10.05
N PRO A 123 23.34 -11.74 -11.05
CA PRO A 123 22.10 -10.93 -11.07
C PRO A 123 20.85 -11.63 -11.62
N ILE A 124 19.77 -11.65 -10.85
CA ILE A 124 18.54 -12.33 -11.25
C ILE A 124 17.93 -11.92 -12.59
N ALA A 125 17.36 -12.90 -13.31
CA ALA A 125 16.74 -12.62 -14.60
C ALA A 125 15.29 -12.21 -14.42
N GLY A 126 14.51 -13.10 -13.80
CA GLY A 126 13.10 -12.83 -13.60
C GLY A 126 12.61 -13.38 -12.25
N VAL A 127 11.53 -12.75 -11.73
CA VAL A 127 11.00 -13.20 -10.46
C VAL A 127 9.64 -13.89 -10.61
N ILE A 128 9.55 -15.08 -9.99
CA ILE A 128 8.27 -15.75 -9.88
C ILE A 128 7.68 -15.51 -8.47
N GLY A 129 6.56 -14.77 -8.42
CA GLY A 129 5.96 -14.47 -7.13
C GLY A 129 5.56 -12.98 -7.03
N PRO A 130 5.16 -12.55 -5.81
CA PRO A 130 5.12 -13.41 -4.64
C PRO A 130 3.75 -14.09 -4.48
N GLY A 131 3.48 -14.50 -3.21
CA GLY A 131 2.23 -15.18 -2.93
C GLY A 131 1.00 -14.33 -3.27
N SER A 132 0.60 -13.44 -2.37
CA SER A 132 -0.57 -12.58 -2.55
C SER A 132 -0.47 -11.51 -3.56
N SER A 133 -1.63 -11.09 -4.00
CA SER A 133 -1.70 -10.06 -4.97
C SER A 133 -1.04 -8.83 -4.35
N SER A 134 -1.67 -8.30 -3.30
CA SER A 134 -1.17 -7.11 -2.62
C SER A 134 0.35 -7.11 -2.52
N VAL A 135 0.89 -8.22 -2.01
CA VAL A 135 2.33 -8.37 -1.85
C VAL A 135 3.08 -8.00 -3.14
N ALA A 136 2.57 -8.52 -4.27
CA ALA A 136 3.22 -8.26 -5.55
C ALA A 136 3.33 -6.76 -5.84
N ILE A 137 2.23 -6.04 -5.57
CA ILE A 137 2.30 -4.60 -5.75
C ILE A 137 3.56 -4.04 -5.11
N GLN A 138 3.90 -4.64 -3.95
CA GLN A 138 5.11 -4.25 -3.24
C GLN A 138 6.36 -4.84 -3.89
N VAL A 139 6.22 -6.10 -4.31
CA VAL A 139 7.36 -6.82 -4.88
C VAL A 139 7.90 -6.17 -6.16
N GLN A 140 6.95 -5.75 -7.05
CA GLN A 140 7.40 -5.18 -8.32
C GLN A 140 7.61 -3.66 -8.24
N ASN A 141 6.83 -3.00 -7.36
CA ASN A 141 7.04 -1.58 -7.18
C ASN A 141 8.54 -1.27 -7.12
N LEU A 142 9.30 -2.29 -6.66
CA LEU A 142 10.74 -2.13 -6.53
C LEU A 142 11.49 -2.71 -7.74
N LEU A 143 10.98 -3.85 -8.22
CA LEU A 143 11.67 -4.54 -9.32
C LEU A 143 11.77 -3.66 -10.57
N GLN A 144 10.67 -2.93 -10.85
CA GLN A 144 10.62 -2.12 -12.06
C GLN A 144 11.69 -1.02 -12.08
N LEU A 145 12.32 -0.81 -10.90
CA LEU A 145 13.36 0.21 -10.83
C LEU A 145 14.72 -0.33 -11.30
N PHE A 146 14.74 -1.65 -11.57
CA PHE A 146 15.94 -2.27 -12.09
C PHE A 146 15.64 -3.02 -13.38
N ASP A 147 14.45 -2.77 -13.89
CA ASP A 147 13.93 -3.35 -15.12
C ASP A 147 13.78 -4.88 -15.09
N ILE A 148 13.51 -5.44 -13.92
CA ILE A 148 13.33 -6.89 -13.75
C ILE A 148 11.89 -7.34 -13.95
N PRO A 149 11.64 -8.19 -14.95
CA PRO A 149 10.30 -8.72 -15.26
C PRO A 149 9.84 -9.64 -14.13
N GLN A 150 8.53 -9.75 -13.93
CA GLN A 150 7.97 -10.56 -12.86
C GLN A 150 6.75 -11.31 -13.33
N ILE A 151 6.68 -12.60 -13.02
CA ILE A 151 5.51 -13.37 -13.44
C ILE A 151 4.77 -13.94 -12.26
N ALA A 152 3.51 -13.55 -12.09
CA ALA A 152 2.74 -14.05 -10.97
C ALA A 152 1.91 -15.25 -11.40
N TYR A 153 1.43 -16.00 -10.39
CA TYR A 153 0.65 -17.18 -10.70
C TYR A 153 -0.57 -17.32 -9.79
N SER A 154 -0.63 -16.43 -8.78
CA SER A 154 -1.73 -16.49 -7.83
C SER A 154 -2.36 -15.11 -7.58
N ALA A 155 -1.73 -14.09 -8.18
CA ALA A 155 -2.30 -12.75 -8.09
C ALA A 155 -3.47 -12.60 -9.07
N THR A 156 -4.70 -12.72 -8.51
CA THR A 156 -5.88 -12.58 -9.36
C THR A 156 -6.39 -11.15 -9.37
N SER A 157 -5.73 -10.29 -8.57
CA SER A 157 -6.14 -8.90 -8.47
C SER A 157 -6.17 -8.20 -9.84
N ILE A 158 -7.02 -7.15 -9.92
CA ILE A 158 -7.19 -6.43 -11.19
C ILE A 158 -6.17 -5.30 -11.34
N ASP A 159 -5.92 -4.63 -10.22
CA ASP A 159 -5.05 -3.45 -10.25
C ASP A 159 -3.80 -3.71 -11.09
N LEU A 160 -3.38 -4.99 -11.12
CA LEU A 160 -2.14 -5.34 -11.81
C LEU A 160 -2.30 -5.27 -13.34
N SER A 161 -3.53 -5.50 -13.81
CA SER A 161 -3.75 -5.46 -15.25
C SER A 161 -3.25 -4.15 -15.86
N ASP A 162 -3.03 -3.16 -14.95
CA ASP A 162 -2.56 -1.84 -15.38
C ASP A 162 -1.03 -1.81 -15.47
N LYS A 163 -0.50 -1.53 -16.68
CA LYS A 163 0.94 -1.68 -16.83
C LYS A 163 1.70 -0.35 -16.71
N THR A 164 0.96 0.78 -16.68
CA THR A 164 1.63 2.07 -16.53
C THR A 164 2.46 2.13 -15.24
N LEU A 165 1.86 1.62 -14.15
CA LEU A 165 2.55 1.62 -12.86
C LEU A 165 3.40 0.36 -12.69
N TYR A 166 2.74 -0.80 -12.92
CA TYR A 166 3.48 -2.05 -12.87
C TYR A 166 3.79 -2.57 -14.28
N LYS A 167 4.60 -1.82 -15.00
CA LYS A 167 4.96 -2.22 -16.34
C LYS A 167 5.59 -3.59 -16.38
N TYR A 168 6.50 -3.86 -15.47
CA TYR A 168 7.20 -5.14 -15.56
C TYR A 168 6.45 -6.32 -14.89
N PHE A 169 5.11 -6.20 -14.76
CA PHE A 169 4.35 -7.29 -14.12
C PHE A 169 3.50 -8.10 -15.11
N LEU A 170 3.60 -9.44 -14.99
CA LEU A 170 2.77 -10.31 -15.82
C LEU A 170 2.44 -11.63 -15.11
N ARG A 171 1.32 -12.26 -15.52
CA ARG A 171 0.90 -13.47 -14.84
C ARG A 171 0.29 -14.50 -15.79
N VAL A 172 0.44 -15.77 -15.38
CA VAL A 172 -0.12 -16.87 -16.16
C VAL A 172 -1.59 -17.13 -15.80
N VAL A 173 -2.10 -16.33 -14.85
CA VAL A 173 -3.49 -16.48 -14.44
C VAL A 173 -4.36 -15.30 -14.89
N PRO A 174 -5.70 -15.53 -14.84
CA PRO A 174 -6.68 -14.56 -15.28
C PRO A 174 -7.14 -13.62 -14.15
N SER A 175 -7.64 -12.44 -14.56
CA SER A 175 -8.01 -11.38 -13.63
C SER A 175 -9.35 -11.63 -12.92
N ASP A 176 -9.56 -10.91 -11.80
CA ASP A 176 -10.82 -11.03 -11.07
C ASP A 176 -11.98 -10.40 -11.84
N THR A 177 -11.62 -9.64 -12.89
CA THR A 177 -12.67 -9.09 -13.74
C THR A 177 -13.62 -10.21 -14.17
N LEU A 178 -13.01 -11.38 -14.46
CA LEU A 178 -13.79 -12.55 -14.82
C LEU A 178 -14.39 -13.22 -13.58
N GLN A 179 -13.51 -13.45 -12.58
CA GLN A 179 -13.94 -14.17 -11.38
C GLN A 179 -15.06 -13.42 -10.64
N ALA A 180 -14.93 -12.08 -10.60
CA ALA A 180 -16.00 -11.29 -10.00
C ALA A 180 -17.24 -11.30 -10.88
N ARG A 181 -16.98 -11.47 -12.20
CA ARG A 181 -18.07 -11.55 -13.16
C ARG A 181 -18.98 -12.75 -12.88
N ALA A 182 -18.34 -13.88 -12.53
CA ALA A 182 -19.08 -15.14 -12.38
C ALA A 182 -19.69 -15.31 -10.98
N MET A 183 -18.94 -14.87 -9.95
CA MET A 183 -19.49 -14.99 -8.61
C MET A 183 -20.88 -14.36 -8.53
N LEU A 184 -21.01 -13.21 -9.24
CA LEU A 184 -22.30 -12.56 -9.34
C LEU A 184 -23.28 -13.38 -10.20
N ASP A 185 -22.70 -14.08 -11.20
CA ASP A 185 -23.52 -14.93 -12.07
C ASP A 185 -23.97 -16.21 -11.36
N ILE A 186 -23.14 -16.66 -10.40
CA ILE A 186 -23.55 -17.82 -9.62
C ILE A 186 -24.73 -17.45 -8.71
N VAL A 187 -24.88 -16.12 -8.50
CA VAL A 187 -25.92 -15.62 -7.61
C VAL A 187 -27.27 -15.46 -8.33
N LYS A 188 -27.21 -14.81 -9.52
CA LYS A 188 -28.43 -14.66 -10.31
C LYS A 188 -29.08 -16.02 -10.50
N ARG A 189 -28.20 -17.03 -10.62
CA ARG A 189 -28.58 -18.41 -10.89
C ARG A 189 -29.76 -18.87 -10.02
N TYR A 190 -29.62 -18.72 -8.70
CA TYR A 190 -30.63 -19.28 -7.81
C TYR A 190 -31.64 -18.23 -7.33
N ASN A 191 -31.73 -17.13 -8.11
CA ASN A 191 -32.71 -16.09 -7.86
C ASN A 191 -32.45 -15.33 -6.54
N TRP A 192 -31.16 -15.26 -6.15
CA TRP A 192 -30.80 -14.49 -4.96
C TRP A 192 -30.45 -13.04 -5.31
N THR A 193 -31.15 -12.09 -4.66
CA THR A 193 -30.91 -10.67 -4.95
C THR A 193 -30.75 -9.85 -3.67
N TYR A 194 -30.40 -10.56 -2.60
CA TYR A 194 -30.12 -9.91 -1.32
C TYR A 194 -28.96 -10.66 -0.65
N VAL A 195 -27.77 -10.03 -0.70
CA VAL A 195 -26.60 -10.77 -0.24
C VAL A 195 -25.45 -9.86 0.21
N SER A 196 -24.90 -10.21 1.38
CA SER A 196 -23.83 -9.41 1.95
C SER A 196 -22.47 -9.75 1.32
N ALA A 197 -21.56 -8.81 1.50
CA ALA A 197 -20.23 -8.96 0.93
C ALA A 197 -19.10 -8.66 1.92
N VAL A 198 -18.38 -9.71 2.29
CA VAL A 198 -17.27 -9.58 3.20
C VAL A 198 -16.04 -9.82 2.38
N HIS A 199 -15.03 -8.98 2.56
CA HIS A 199 -13.78 -9.11 1.78
C HIS A 199 -12.53 -8.95 2.65
N THR A 200 -11.54 -9.82 2.36
CA THR A 200 -10.26 -9.70 3.02
C THR A 200 -9.59 -8.37 2.69
N GLU A 201 -9.27 -7.60 3.75
CA GLU A 201 -8.64 -6.32 3.52
C GLU A 201 -7.30 -6.47 2.82
N GLY A 202 -7.01 -5.48 1.96
CA GLY A 202 -5.80 -5.54 1.15
C GLY A 202 -6.10 -5.02 -0.26
N ASN A 203 -5.17 -5.29 -1.18
CA ASN A 203 -5.39 -4.86 -2.54
C ASN A 203 -6.06 -5.96 -3.39
N TYR A 204 -6.09 -7.16 -2.79
CA TYR A 204 -6.82 -8.25 -3.44
C TYR A 204 -8.32 -8.13 -3.21
N GLY A 205 -8.67 -7.79 -1.95
CA GLY A 205 -10.08 -7.74 -1.57
C GLY A 205 -10.78 -6.49 -2.08
N GLU A 206 -10.01 -5.40 -2.20
CA GLU A 206 -10.59 -4.15 -2.69
C GLU A 206 -10.96 -4.24 -4.17
N SER A 207 -9.99 -4.77 -4.96
CA SER A 207 -10.15 -4.78 -6.41
C SER A 207 -11.27 -5.72 -6.85
N GLY A 208 -11.23 -6.95 -6.32
CA GLY A 208 -12.23 -7.93 -6.71
C GLY A 208 -13.63 -7.51 -6.28
N MET A 209 -13.75 -7.08 -5.01
CA MET A 209 -15.06 -6.77 -4.47
C MET A 209 -15.66 -5.51 -5.09
N ASP A 210 -14.81 -4.49 -5.28
CA ASP A 210 -15.29 -3.27 -5.91
C ASP A 210 -15.98 -3.59 -7.25
N ALA A 211 -15.42 -4.62 -7.93
CA ALA A 211 -16.04 -5.07 -9.17
C ALA A 211 -17.38 -5.77 -8.89
N PHE A 212 -17.34 -6.74 -7.96
CA PHE A 212 -18.58 -7.42 -7.58
C PHE A 212 -19.63 -6.41 -7.12
N LYS A 213 -19.14 -5.23 -6.69
CA LYS A 213 -20.04 -4.19 -6.24
C LYS A 213 -20.52 -3.33 -7.42
N GLU A 214 -19.73 -3.16 -8.47
CA GLU A 214 -20.18 -2.39 -9.63
C GLU A 214 -21.13 -3.29 -10.43
N LEU A 215 -20.67 -4.51 -10.75
CA LEU A 215 -21.49 -5.42 -11.51
C LEU A 215 -22.90 -5.46 -10.95
N ALA A 216 -23.03 -5.88 -9.70
CA ALA A 216 -24.35 -5.96 -9.08
C ALA A 216 -25.16 -4.68 -9.29
N ALA A 217 -24.48 -3.54 -9.10
CA ALA A 217 -25.18 -2.25 -9.20
C ALA A 217 -25.73 -2.00 -10.61
N GLN A 218 -25.17 -2.73 -11.58
CA GLN A 218 -25.69 -2.65 -12.95
C GLN A 218 -26.95 -3.52 -13.08
N GLU A 219 -26.80 -4.76 -12.59
CA GLU A 219 -27.88 -5.71 -12.65
C GLU A 219 -29.01 -5.34 -11.69
N GLY A 220 -28.81 -4.22 -10.96
CA GLY A 220 -29.80 -3.82 -9.99
C GLY A 220 -29.88 -4.84 -8.86
N LEU A 221 -28.73 -5.50 -8.63
CA LEU A 221 -28.62 -6.41 -7.51
C LEU A 221 -28.50 -5.62 -6.20
N CYS A 222 -29.57 -5.70 -5.39
CA CYS A 222 -29.49 -5.08 -4.07
C CYS A 222 -28.63 -5.92 -3.13
N ILE A 223 -27.81 -5.23 -2.32
CA ILE A 223 -26.97 -5.96 -1.38
C ILE A 223 -27.28 -5.56 0.07
N ALA A 224 -27.28 -6.58 0.95
CA ALA A 224 -27.56 -6.30 2.36
C ALA A 224 -26.38 -5.59 3.03
N HIS A 225 -25.93 -6.16 4.15
CA HIS A 225 -24.82 -5.61 4.90
C HIS A 225 -23.46 -5.92 4.24
N SER A 226 -22.53 -4.95 4.29
CA SER A 226 -21.20 -5.12 3.71
C SER A 226 -20.08 -4.81 4.70
N ASP A 227 -19.03 -5.62 4.68
CA ASP A 227 -17.92 -5.42 5.63
C ASP A 227 -16.65 -6.14 5.20
N LYS A 228 -15.52 -5.70 5.79
CA LYS A 228 -14.23 -6.29 5.47
C LYS A 228 -13.43 -6.56 6.75
N ILE A 229 -12.36 -7.36 6.61
CA ILE A 229 -11.53 -7.65 7.77
C ILE A 229 -10.09 -8.00 7.37
N TYR A 230 -9.21 -8.03 8.39
CA TYR A 230 -7.83 -8.44 8.16
C TYR A 230 -7.66 -9.95 8.41
N SER A 231 -7.00 -10.63 7.45
CA SER A 231 -6.90 -12.09 7.54
C SER A 231 -6.37 -12.57 8.91
N ASN A 232 -5.70 -11.69 9.62
CA ASN A 232 -5.13 -12.03 10.92
C ASN A 232 -5.76 -11.15 11.98
N ALA A 233 -7.08 -11.27 12.09
CA ALA A 233 -7.83 -10.47 13.03
C ALA A 233 -7.88 -11.14 14.40
N GLY A 234 -8.21 -10.34 15.42
CA GLY A 234 -8.32 -10.85 16.78
C GLY A 234 -9.55 -11.73 16.80
N GLU A 235 -9.47 -12.90 17.42
CA GLU A 235 -10.62 -13.76 17.44
C GLU A 235 -11.82 -12.93 17.88
N LYS A 236 -11.54 -11.82 18.56
CA LYS A 236 -12.59 -10.91 19.05
C LYS A 236 -13.25 -10.07 17.94
N SER A 237 -12.51 -9.81 16.87
CA SER A 237 -13.00 -9.01 15.76
C SER A 237 -13.85 -9.87 14.86
N PHE A 238 -13.54 -11.17 14.83
CA PHE A 238 -14.29 -12.10 14.00
C PHE A 238 -15.72 -12.16 14.51
N ASP A 239 -15.84 -12.42 15.83
CA ASP A 239 -17.15 -12.50 16.43
C ASP A 239 -18.00 -11.27 16.07
N ARG A 240 -17.36 -10.09 16.16
CA ARG A 240 -18.04 -8.88 15.72
C ARG A 240 -18.55 -9.05 14.29
N LEU A 241 -17.71 -9.71 13.47
CA LEU A 241 -18.08 -9.95 12.07
C LEU A 241 -19.40 -10.73 11.94
N LEU A 242 -19.45 -11.87 12.64
CA LEU A 242 -20.66 -12.70 12.57
C LEU A 242 -21.85 -11.99 13.20
N ARG A 243 -21.55 -11.16 14.22
CA ARG A 243 -22.60 -10.39 14.86
C ARG A 243 -23.34 -9.50 13.85
N LYS A 244 -22.55 -8.59 13.21
CA LYS A 244 -23.15 -7.70 12.21
C LYS A 244 -23.78 -8.49 11.05
N LEU A 245 -23.19 -9.65 10.76
CA LEU A 245 -23.67 -10.53 9.70
C LEU A 245 -24.96 -11.26 10.09
N ARG A 246 -25.13 -11.47 11.40
CA ARG A 246 -26.32 -12.13 11.91
C ARG A 246 -27.35 -11.13 12.43
N GLU A 247 -26.91 -9.90 12.70
CA GLU A 247 -27.80 -8.85 13.18
C GLU A 247 -28.75 -8.38 12.07
N ARG A 248 -28.47 -8.84 10.85
CA ARG A 248 -29.29 -8.56 9.68
C ARG A 248 -29.77 -9.85 9.00
N LEU A 249 -30.93 -10.35 9.49
CA LEU A 249 -31.53 -11.58 8.94
C LEU A 249 -33.04 -11.57 9.23
N PRO A 250 -33.80 -12.57 8.70
CA PRO A 250 -33.26 -13.64 7.83
C PRO A 250 -33.30 -13.35 6.32
N LYS A 251 -33.19 -12.06 5.93
CA LYS A 251 -33.14 -11.75 4.49
C LYS A 251 -31.80 -12.16 3.88
N ALA A 252 -30.72 -11.65 4.50
CA ALA A 252 -29.37 -11.94 4.04
C ALA A 252 -28.89 -13.32 4.49
N ARG A 253 -29.32 -14.35 3.75
CA ARG A 253 -28.95 -15.71 4.10
C ARG A 253 -27.70 -16.16 3.32
N VAL A 254 -27.51 -15.61 2.12
CA VAL A 254 -26.36 -15.98 1.28
C VAL A 254 -25.28 -14.91 1.32
N VAL A 255 -24.03 -15.37 1.36
CA VAL A 255 -22.92 -14.44 1.51
C VAL A 255 -21.90 -14.55 0.38
N VAL A 256 -21.41 -13.36 -0.02
CA VAL A 256 -20.27 -13.29 -0.89
C VAL A 256 -19.00 -13.01 -0.08
N CYS A 257 -18.06 -13.97 -0.14
CA CYS A 257 -16.76 -13.71 0.45
C CYS A 257 -15.66 -13.82 -0.61
N PHE A 258 -15.33 -12.66 -1.17
CA PHE A 258 -14.08 -12.56 -1.94
C PHE A 258 -12.91 -12.45 -0.98
N CYS A 259 -12.53 -13.62 -0.42
CA CYS A 259 -11.70 -13.57 0.78
C CYS A 259 -10.48 -14.52 0.71
N GLU A 260 -9.43 -14.10 1.45
CA GLU A 260 -8.23 -14.92 1.64
C GLU A 260 -8.51 -16.23 2.38
N GLY A 261 -7.61 -17.21 2.17
CA GLY A 261 -7.80 -18.56 2.71
C GLY A 261 -8.26 -18.60 4.17
N MET A 262 -7.37 -18.15 5.09
CA MET A 262 -7.71 -18.22 6.50
C MET A 262 -8.82 -17.24 6.88
N THR A 263 -8.86 -16.12 6.13
CA THR A 263 -9.91 -15.15 6.40
C THR A 263 -11.27 -15.83 6.51
N VAL A 264 -11.46 -16.88 5.69
CA VAL A 264 -12.68 -17.67 5.80
C VAL A 264 -12.61 -18.60 6.99
N ARG A 265 -11.43 -19.09 7.26
CA ARG A 265 -11.26 -19.99 8.38
C ARG A 265 -11.74 -19.20 9.59
N GLY A 266 -11.17 -18.02 9.79
CA GLY A 266 -11.57 -17.19 10.93
C GLY A 266 -13.06 -16.98 11.06
N LEU A 267 -13.77 -16.85 9.94
CA LEU A 267 -15.22 -16.65 9.98
C LEU A 267 -15.85 -17.94 10.49
N LEU A 268 -15.29 -19.07 10.08
CA LEU A 268 -15.82 -20.37 10.53
C LEU A 268 -15.51 -20.53 12.02
N SER A 269 -14.29 -20.17 12.38
CA SER A 269 -13.80 -20.22 13.76
C SER A 269 -14.80 -19.54 14.68
N ALA A 270 -15.32 -18.42 14.21
CA ALA A 270 -16.33 -17.69 14.96
C ALA A 270 -17.65 -18.45 14.92
N MET A 271 -17.99 -18.92 13.71
CA MET A 271 -19.15 -19.76 13.60
C MET A 271 -19.20 -20.78 14.74
N ARG A 272 -18.14 -21.61 14.80
CA ARG A 272 -18.06 -22.59 15.89
C ARG A 272 -18.21 -21.93 17.25
N ARG A 273 -17.49 -20.82 17.43
CA ARG A 273 -17.52 -20.12 18.70
C ARG A 273 -18.96 -19.84 19.15
N LEU A 274 -19.77 -19.34 18.19
CA LEU A 274 -21.15 -19.02 18.54
C LEU A 274 -22.07 -20.24 18.44
N GLY A 275 -21.47 -21.40 18.26
CA GLY A 275 -22.20 -22.65 18.21
C GLY A 275 -23.44 -22.66 17.34
N VAL A 276 -23.39 -21.95 16.22
CA VAL A 276 -24.52 -21.90 15.31
C VAL A 276 -24.02 -22.27 13.91
N VAL A 277 -24.87 -22.92 13.13
CA VAL A 277 -24.51 -23.34 11.77
C VAL A 277 -25.73 -23.46 10.84
N GLY A 278 -25.47 -23.76 9.57
CA GLY A 278 -26.52 -23.90 8.58
C GLY A 278 -27.30 -22.63 8.32
N GLU A 279 -26.85 -21.53 8.93
CA GLU A 279 -27.48 -20.22 8.84
C GLU A 279 -27.27 -19.54 7.48
N PHE A 280 -26.00 -19.48 7.01
CA PHE A 280 -25.76 -18.85 5.72
C PHE A 280 -25.28 -19.83 4.64
N SER A 281 -25.43 -19.36 3.39
CA SER A 281 -24.76 -20.00 2.27
C SER A 281 -23.64 -19.09 1.75
N LEU A 282 -22.40 -19.43 2.13
CA LEU A 282 -21.28 -18.62 1.67
C LEU A 282 -20.93 -18.90 0.21
N ILE A 283 -20.17 -17.95 -0.38
CA ILE A 283 -19.61 -18.17 -1.70
C ILE A 283 -18.18 -17.61 -1.77
N GLY A 284 -17.18 -18.51 -1.70
CA GLY A 284 -15.79 -18.03 -1.53
C GLY A 284 -15.03 -17.96 -2.85
N SER A 285 -14.25 -16.90 -3.00
CA SER A 285 -13.37 -16.84 -4.14
C SER A 285 -12.28 -17.89 -4.01
N ASP A 286 -11.47 -18.00 -5.07
CA ASP A 286 -10.42 -19.01 -5.08
C ASP A 286 -9.61 -19.01 -3.78
N GLY A 287 -9.89 -18.00 -2.92
CA GLY A 287 -9.23 -18.00 -1.62
C GLY A 287 -9.55 -19.31 -0.90
N TRP A 288 -10.79 -19.76 -1.13
CA TRP A 288 -11.20 -21.07 -0.66
C TRP A 288 -10.98 -22.12 -1.76
N ALA A 289 -11.85 -22.07 -2.78
CA ALA A 289 -11.80 -23.10 -3.81
C ALA A 289 -11.97 -24.49 -3.18
N ASP A 290 -10.99 -25.38 -3.45
CA ASP A 290 -11.09 -26.71 -2.87
C ASP A 290 -9.93 -27.02 -1.91
N ARG A 291 -9.56 -25.99 -1.12
CA ARG A 291 -8.55 -26.19 -0.08
C ARG A 291 -9.14 -26.93 1.12
N ASP A 292 -8.26 -27.71 1.81
CA ASP A 292 -8.67 -28.34 3.05
C ASP A 292 -8.19 -27.51 4.25
N GLU A 293 -7.01 -26.87 4.07
CA GLU A 293 -6.46 -26.10 5.17
C GLU A 293 -7.49 -25.13 5.76
N VAL A 294 -8.50 -24.82 4.91
CA VAL A 294 -9.59 -23.94 5.34
C VAL A 294 -10.61 -24.66 6.27
N ILE A 295 -11.08 -25.83 5.80
CA ILE A 295 -12.16 -26.52 6.50
C ILE A 295 -11.67 -27.74 7.26
N GLU A 296 -10.35 -27.95 7.24
CA GLU A 296 -9.82 -29.06 8.04
C GLU A 296 -10.23 -28.88 9.50
N GLY A 297 -11.08 -29.82 9.97
CA GLY A 297 -11.60 -29.68 11.32
C GLY A 297 -12.99 -29.02 11.33
N TYR A 298 -13.00 -27.68 11.12
CA TYR A 298 -14.26 -26.93 11.20
C TYR A 298 -15.29 -27.42 10.15
N GLU A 299 -15.19 -28.63 9.64
CA GLU A 299 -16.12 -29.11 8.62
C GLU A 299 -17.58 -28.95 9.06
N VAL A 300 -17.83 -29.08 10.37
CA VAL A 300 -19.22 -29.07 10.82
C VAL A 300 -20.03 -27.90 10.23
N GLU A 301 -19.34 -26.77 9.93
CA GLU A 301 -20.09 -25.58 9.50
C GLU A 301 -19.89 -25.21 8.03
N ALA A 302 -18.69 -25.48 7.49
CA ALA A 302 -18.45 -25.08 6.10
C ALA A 302 -19.10 -26.03 5.09
N ASN A 303 -20.42 -25.99 5.02
CA ASN A 303 -21.15 -26.89 4.17
C ASN A 303 -22.00 -26.04 3.26
N GLY A 304 -22.48 -26.64 2.18
CA GLY A 304 -23.30 -25.93 1.22
C GLY A 304 -22.61 -24.72 0.65
N GLY A 305 -21.36 -24.50 1.03
CA GLY A 305 -20.62 -23.37 0.54
C GLY A 305 -20.31 -23.52 -0.93
N ILE A 306 -20.29 -22.41 -1.65
CA ILE A 306 -19.94 -22.39 -3.07
C ILE A 306 -18.62 -21.66 -3.30
N THR A 307 -17.70 -22.34 -4.00
CA THR A 307 -16.38 -21.74 -4.20
C THR A 307 -16.01 -21.55 -5.69
N ILE A 308 -15.03 -20.65 -5.91
CA ILE A 308 -14.44 -20.45 -7.23
C ILE A 308 -13.02 -21.01 -7.28
N LYS A 309 -12.67 -21.65 -8.41
CA LYS A 309 -11.32 -22.20 -8.51
C LYS A 309 -10.82 -22.22 -9.96
N LEU A 310 -9.78 -21.41 -10.24
CA LEU A 310 -9.24 -21.45 -11.60
C LEU A 310 -8.92 -22.89 -12.01
N GLN A 311 -9.39 -23.26 -13.22
CA GLN A 311 -9.47 -24.67 -13.59
C GLN A 311 -8.10 -25.24 -13.94
N SER A 312 -7.19 -25.16 -12.95
CA SER A 312 -5.84 -25.67 -13.17
C SER A 312 -5.79 -27.19 -13.08
N PRO A 313 -5.52 -27.83 -14.24
CA PRO A 313 -5.43 -29.28 -14.31
C PRO A 313 -4.47 -29.85 -13.27
N GLU A 314 -4.92 -30.91 -12.59
CA GLU A 314 -4.06 -31.55 -11.61
C GLU A 314 -2.72 -31.96 -12.24
N VAL A 315 -1.63 -31.63 -11.53
CA VAL A 315 -0.31 -31.97 -12.05
C VAL A 315 0.09 -33.40 -11.67
N ARG A 316 -0.45 -34.36 -12.44
CA ARG A 316 -0.16 -35.77 -12.17
C ARG A 316 1.35 -36.03 -12.08
N SER A 317 2.11 -35.20 -12.81
CA SER A 317 3.56 -35.41 -12.91
C SER A 317 4.26 -35.17 -11.56
N PHE A 318 3.89 -34.05 -10.92
CA PHE A 318 4.54 -33.60 -9.69
C PHE A 318 4.56 -34.69 -8.61
N ASP A 319 3.40 -35.35 -8.47
CA ASP A 319 3.23 -36.28 -7.35
C ASP A 319 4.21 -37.46 -7.42
N ASP A 320 4.37 -38.01 -8.62
CA ASP A 320 5.34 -39.08 -8.75
C ASP A 320 6.68 -38.67 -8.11
N TYR A 321 6.97 -37.35 -8.18
CA TYR A 321 8.25 -36.84 -7.71
C TYR A 321 8.26 -36.54 -6.20
N PHE A 322 7.22 -35.83 -5.75
CA PHE A 322 7.12 -35.37 -4.37
C PHE A 322 7.31 -36.53 -3.38
N LEU A 323 6.44 -37.53 -3.58
CA LEU A 323 6.38 -38.65 -2.66
C LEU A 323 7.76 -39.30 -2.42
N LYS A 324 8.49 -39.51 -3.51
CA LYS A 324 9.70 -40.30 -3.40
C LYS A 324 10.78 -39.64 -2.51
N LEU A 325 10.49 -38.40 -2.06
CA LEU A 325 11.46 -37.60 -1.29
C LEU A 325 11.87 -38.21 0.06
N ARG A 326 13.12 -37.89 0.49
CA ARG A 326 13.63 -38.35 1.80
C ARG A 326 14.18 -37.18 2.64
N LEU A 327 14.36 -37.47 3.94
CA LEU A 327 14.86 -36.46 4.88
C LEU A 327 16.32 -36.09 4.59
N ASP A 328 17.11 -37.09 4.20
CA ASP A 328 18.54 -36.91 3.95
C ASP A 328 19.00 -36.81 2.49
N THR A 329 18.12 -37.15 1.54
CA THR A 329 18.49 -37.09 0.14
C THR A 329 18.25 -35.72 -0.48
N ASN A 330 17.39 -34.94 0.18
CA ASN A 330 17.06 -33.59 -0.28
C ASN A 330 17.81 -32.57 0.58
N THR A 331 18.94 -32.06 0.07
CA THR A 331 19.73 -31.09 0.81
C THR A 331 19.56 -29.66 0.27
N ARG A 332 19.33 -29.55 -1.04
CA ARG A 332 19.19 -28.24 -1.70
C ARG A 332 18.11 -27.41 -1.06
N ASN A 333 17.01 -28.05 -0.69
CA ASN A 333 15.90 -27.37 -0.05
C ASN A 333 16.10 -27.41 1.45
N PRO A 334 16.70 -26.37 2.02
CA PRO A 334 17.00 -26.22 3.44
C PRO A 334 15.84 -26.32 4.43
N TRP A 335 14.62 -26.13 3.96
CA TRP A 335 13.49 -26.19 4.87
C TRP A 335 13.00 -27.59 5.25
N PHE A 336 13.31 -28.59 4.42
CA PHE A 336 12.77 -29.93 4.66
C PHE A 336 12.96 -30.41 6.12
N PRO A 337 14.21 -30.34 6.62
CA PRO A 337 14.47 -30.72 8.00
C PRO A 337 13.44 -30.14 8.99
N GLU A 338 13.02 -28.88 8.73
CA GLU A 338 12.00 -28.29 9.59
C GLU A 338 10.59 -28.73 9.20
N PHE A 339 10.36 -28.75 7.86
CA PHE A 339 9.06 -29.13 7.36
C PHE A 339 8.68 -30.54 7.81
N TRP A 340 9.68 -31.44 7.73
CA TRP A 340 9.45 -32.82 8.12
C TRP A 340 9.05 -32.95 9.59
N GLN A 341 9.77 -32.20 10.44
CA GLN A 341 9.47 -32.29 11.87
C GLN A 341 7.99 -32.05 12.16
N HIS A 342 7.32 -31.32 11.24
CA HIS A 342 5.93 -30.94 11.47
C HIS A 342 4.91 -31.88 10.82
N ARG A 343 5.26 -32.45 9.64
CA ARG A 343 4.23 -33.27 9.00
C ARG A 343 3.90 -34.52 9.82
N PHE A 344 4.73 -34.77 10.85
CA PHE A 344 4.51 -35.98 11.64
C PHE A 344 4.45 -35.69 13.15
N GLN A 345 4.42 -34.39 13.47
CA GLN A 345 4.38 -34.04 14.89
C GLN A 345 5.41 -34.84 15.69
N CYS A 346 6.52 -35.15 14.99
CA CYS A 346 7.62 -35.76 15.70
C CYS A 346 8.79 -34.80 15.76
N ARG A 347 9.97 -35.33 16.07
CA ARG A 347 11.10 -34.43 16.12
C ARG A 347 12.43 -35.12 15.88
N LEU A 348 13.19 -34.51 14.97
CA LEU A 348 14.62 -34.82 14.86
C LEU A 348 15.47 -33.82 15.64
N PRO A 349 15.89 -34.26 16.84
CA PRO A 349 16.77 -33.47 17.70
C PRO A 349 18.22 -33.59 17.25
N GLY A 350 19.08 -32.75 17.87
CA GLY A 350 20.51 -32.86 17.59
C GLY A 350 20.98 -31.89 16.51
N HIS A 351 20.26 -31.89 15.38
CA HIS A 351 20.56 -30.92 14.34
C HIS A 351 19.94 -29.56 14.70
N LEU A 352 20.56 -28.49 14.18
CA LEU A 352 20.25 -27.16 14.68
C LEU A 352 18.75 -26.90 14.84
N LEU A 353 18.01 -27.07 13.72
CA LEU A 353 16.58 -26.79 13.77
C LEU A 353 15.80 -27.94 14.40
N GLU A 354 15.06 -27.60 15.49
CA GLU A 354 14.25 -28.61 16.15
C GLU A 354 12.98 -28.01 16.77
N ASN A 355 11.87 -28.72 16.61
CA ASN A 355 10.59 -28.28 17.14
C ASN A 355 10.27 -29.12 18.39
N PRO A 356 10.59 -28.59 19.58
CA PRO A 356 10.37 -29.25 20.88
C PRO A 356 8.93 -29.12 21.40
N ASN A 357 8.04 -28.60 20.57
CA ASN A 357 6.63 -28.52 20.92
C ASN A 357 5.94 -29.88 20.74
N PHE A 358 6.78 -30.95 20.70
CA PHE A 358 6.33 -32.33 20.47
C PHE A 358 6.98 -33.32 21.44
N LYS A 359 6.60 -34.61 21.27
CA LYS A 359 7.06 -35.64 22.20
C LYS A 359 7.77 -36.84 21.54
N LYS A 360 7.11 -37.42 20.52
CA LYS A 360 7.62 -38.65 19.93
C LYS A 360 8.75 -38.39 18.93
N VAL A 361 9.63 -39.40 18.77
CA VAL A 361 10.64 -39.25 17.75
C VAL A 361 10.06 -39.58 16.39
N CYS A 362 10.88 -39.35 15.37
CA CYS A 362 10.45 -39.77 14.05
C CYS A 362 10.95 -41.19 13.78
N THR A 363 10.13 -41.95 13.04
CA THR A 363 10.60 -43.29 12.69
C THR A 363 11.82 -43.22 11.79
N GLY A 364 12.03 -42.02 11.21
CA GLY A 364 13.11 -41.85 10.26
C GLY A 364 12.67 -42.28 8.85
N ASN A 365 11.50 -42.95 8.81
CA ASN A 365 11.01 -43.50 7.55
C ASN A 365 9.54 -43.17 7.29
N GLU A 366 9.18 -41.89 7.52
CA GLU A 366 7.79 -41.48 7.36
C GLU A 366 7.39 -41.34 5.88
N SER A 367 6.12 -41.68 5.60
CA SER A 367 5.64 -41.61 4.21
C SER A 367 4.62 -40.47 3.99
N LEU A 368 4.95 -39.70 2.96
CA LEU A 368 4.19 -38.54 2.56
C LEU A 368 2.81 -38.81 1.99
N GLU A 369 2.46 -40.07 1.80
CA GLU A 369 1.14 -40.34 1.22
C GLU A 369 -0.02 -40.11 2.18
N GLU A 370 0.27 -40.08 3.47
CA GLU A 370 -0.77 -39.88 4.47
C GLU A 370 -1.49 -38.56 4.29
N ASN A 371 -2.74 -38.63 3.88
CA ASN A 371 -3.58 -37.46 3.65
C ASN A 371 -2.98 -36.44 2.68
N TYR A 372 -2.03 -36.87 1.86
CA TYR A 372 -1.41 -35.94 0.90
C TYR A 372 -2.41 -35.42 -0.10
N VAL A 373 -2.31 -34.11 -0.38
CA VAL A 373 -3.18 -33.44 -1.34
C VAL A 373 -2.39 -32.37 -2.09
N GLN A 374 -2.18 -32.62 -3.39
CA GLN A 374 -1.44 -31.71 -4.27
C GLN A 374 -2.00 -30.30 -4.26
N ASP A 375 -1.10 -29.32 -4.13
CA ASP A 375 -1.56 -27.95 -4.13
C ASP A 375 -2.51 -27.80 -5.28
N SER A 376 -3.63 -27.16 -5.00
CA SER A 376 -4.69 -26.93 -5.97
C SER A 376 -4.18 -26.08 -7.13
N LYS A 377 -3.54 -24.95 -6.81
CA LYS A 377 -3.02 -24.07 -7.84
C LYS A 377 -1.72 -24.60 -8.38
N MET A 378 -1.25 -25.71 -7.82
CA MET A 378 0.02 -26.32 -8.25
C MET A 378 0.31 -26.15 -9.75
N GLY A 379 -0.68 -26.41 -10.59
CA GLY A 379 -0.37 -26.30 -12.01
C GLY A 379 0.34 -24.98 -12.35
N PHE A 380 -0.38 -23.87 -12.16
CA PHE A 380 0.10 -22.58 -12.63
C PHE A 380 1.60 -22.35 -12.37
N VAL A 381 2.02 -22.49 -11.10
CA VAL A 381 3.42 -22.17 -10.79
C VAL A 381 4.39 -22.84 -11.78
N ILE A 382 4.18 -24.15 -12.01
CA ILE A 382 5.07 -24.84 -12.94
C ILE A 382 5.13 -24.12 -14.29
N ASN A 383 3.94 -23.88 -14.86
CA ASN A 383 3.89 -23.20 -16.15
C ASN A 383 4.62 -21.86 -16.11
N ALA A 384 4.23 -21.03 -15.11
CA ALA A 384 4.88 -19.74 -14.98
C ALA A 384 6.40 -19.88 -14.92
N ILE A 385 6.83 -21.03 -14.36
CA ILE A 385 8.26 -21.33 -14.33
C ILE A 385 8.78 -21.53 -15.76
N TYR A 386 7.91 -22.13 -16.59
CA TYR A 386 8.24 -22.32 -18.01
C TYR A 386 8.26 -20.99 -18.76
N ALA A 387 7.16 -20.23 -18.62
CA ALA A 387 7.07 -18.95 -19.29
C ALA A 387 8.37 -18.16 -19.17
N MET A 388 8.89 -18.09 -17.92
CA MET A 388 10.13 -17.38 -17.69
C MET A 388 11.26 -17.93 -18.57
N ALA A 389 11.20 -19.25 -18.82
CA ALA A 389 12.25 -19.89 -19.61
C ALA A 389 12.08 -19.60 -21.10
N HIS A 390 10.83 -19.72 -21.58
CA HIS A 390 10.57 -19.47 -22.99
C HIS A 390 11.10 -18.10 -23.42
N GLY A 391 10.80 -17.09 -22.58
CA GLY A 391 11.33 -15.76 -22.85
C GLY A 391 12.82 -15.83 -23.18
N LEU A 392 13.58 -16.47 -22.27
CA LEU A 392 15.02 -16.64 -22.50
C LEU A 392 15.29 -17.25 -23.88
N GLN A 393 14.39 -18.17 -24.29
CA GLN A 393 14.61 -18.87 -25.56
C GLN A 393 14.34 -17.96 -26.77
N ASN A 394 13.14 -17.36 -26.78
CA ASN A 394 12.76 -16.50 -27.88
C ASN A 394 13.77 -15.34 -28.05
N MET A 395 14.33 -14.92 -26.91
CA MET A 395 15.36 -13.89 -26.96
C MET A 395 16.66 -14.43 -27.56
N HIS A 396 17.16 -15.52 -26.95
CA HIS A 396 18.38 -16.14 -27.44
C HIS A 396 18.33 -16.30 -28.97
N HIS A 397 17.18 -16.79 -29.44
CA HIS A 397 17.03 -16.90 -30.89
C HIS A 397 17.14 -15.53 -31.58
N ALA A 398 16.93 -14.47 -30.76
CA ALA A 398 16.89 -13.13 -31.34
C ALA A 398 18.23 -12.37 -31.21
N LEU A 399 18.84 -12.43 -30.00
CA LEU A 399 20.05 -11.62 -29.79
C LEU A 399 21.35 -12.41 -30.03
N CYS A 400 21.35 -13.69 -29.59
CA CYS A 400 22.49 -14.54 -29.93
C CYS A 400 22.06 -15.71 -30.81
N PRO A 401 21.68 -15.36 -32.06
CA PRO A 401 21.20 -16.33 -33.04
C PRO A 401 22.32 -17.17 -33.63
N GLY A 402 22.16 -18.49 -33.67
CA GLY A 402 23.20 -19.31 -34.23
C GLY A 402 24.31 -19.64 -33.26
N HIS A 403 24.16 -19.22 -32.01
CA HIS A 403 25.17 -19.49 -30.98
C HIS A 403 24.80 -20.67 -30.10
N VAL A 404 25.81 -21.39 -29.65
CA VAL A 404 25.53 -22.56 -28.81
C VAL A 404 24.84 -22.18 -27.50
N GLY A 405 25.55 -21.37 -26.68
CA GLY A 405 24.98 -20.99 -25.39
C GLY A 405 24.59 -19.50 -25.36
N LEU A 406 25.00 -18.85 -24.25
CA LEU A 406 24.78 -17.41 -24.09
C LEU A 406 25.94 -16.62 -24.70
N CYS A 407 25.65 -15.38 -25.11
CA CYS A 407 26.69 -14.59 -25.76
C CYS A 407 26.79 -13.16 -25.21
N ASP A 408 27.83 -12.44 -25.69
CA ASP A 408 28.11 -11.10 -25.17
C ASP A 408 26.85 -10.23 -25.14
N ALA A 409 26.05 -10.34 -26.22
CA ALA A 409 24.83 -9.56 -26.26
C ALA A 409 23.89 -9.93 -25.10
N MET A 410 24.10 -11.15 -24.58
CA MET A 410 23.21 -11.68 -23.55
C MET A 410 23.83 -11.62 -22.14
N LYS A 411 25.08 -11.15 -22.07
CA LYS A 411 25.68 -10.85 -20.76
C LYS A 411 26.09 -9.37 -20.68
N PRO A 412 25.36 -8.61 -19.82
CA PRO A 412 24.32 -9.15 -18.97
C PRO A 412 22.99 -9.27 -19.71
N ILE A 413 21.97 -9.75 -18.98
CA ILE A 413 20.65 -9.84 -19.58
C ILE A 413 19.87 -8.52 -19.46
N ASP A 414 19.69 -7.87 -20.62
CA ASP A 414 18.94 -6.63 -20.64
C ASP A 414 17.47 -6.85 -20.26
N GLY A 415 17.06 -6.15 -19.20
CA GLY A 415 15.69 -6.33 -18.71
C GLY A 415 14.64 -5.98 -19.78
N ARG A 416 14.45 -4.68 -20.00
CA ARG A 416 13.43 -4.22 -20.91
C ARG A 416 13.31 -5.15 -22.11
N LYS A 417 14.43 -5.68 -22.57
CA LYS A 417 14.36 -6.56 -23.71
C LYS A 417 13.73 -7.89 -23.30
N LEU A 418 14.16 -8.48 -22.19
CA LEU A 418 13.58 -9.75 -21.75
C LEU A 418 12.10 -9.61 -21.50
N LEU A 419 11.63 -8.37 -21.38
CA LEU A 419 10.22 -8.11 -21.17
C LEU A 419 9.52 -8.40 -22.48
N ASP A 420 9.55 -7.43 -23.40
CA ASP A 420 8.93 -7.60 -24.70
C ASP A 420 8.96 -9.05 -25.07
N PHE A 421 10.17 -9.59 -25.18
CA PHE A 421 10.37 -10.99 -25.53
C PHE A 421 9.58 -11.97 -24.64
N LEU A 422 8.87 -11.44 -23.64
CA LEU A 422 8.06 -12.28 -22.76
C LEU A 422 6.60 -12.23 -23.14
N ILE A 423 6.01 -11.05 -23.04
CA ILE A 423 4.61 -10.88 -23.38
C ILE A 423 4.32 -11.63 -24.65
N LYS A 424 5.27 -11.53 -25.60
CA LYS A 424 5.19 -12.08 -26.96
C LYS A 424 5.48 -13.61 -27.04
N SER A 425 5.67 -14.27 -25.86
CA SER A 425 5.88 -15.72 -25.87
C SER A 425 4.61 -16.52 -25.55
N SER A 426 4.46 -17.69 -26.22
CA SER A 426 3.24 -18.48 -26.06
C SER A 426 3.47 -19.98 -26.34
N PHE A 427 3.00 -20.83 -25.41
CA PHE A 427 3.23 -22.27 -25.60
C PHE A 427 2.19 -23.16 -24.88
N VAL A 428 2.29 -24.47 -25.19
CA VAL A 428 1.46 -25.47 -24.51
C VAL A 428 1.96 -25.70 -23.08
N GLY A 429 1.01 -25.62 -22.13
CA GLY A 429 1.37 -25.70 -20.71
C GLY A 429 2.13 -26.99 -20.38
N VAL A 430 2.42 -27.15 -19.07
CA VAL A 430 3.11 -28.36 -18.63
C VAL A 430 2.22 -29.59 -18.77
N SER A 431 0.91 -29.32 -18.89
CA SER A 431 -0.05 -30.40 -19.06
C SER A 431 -1.23 -30.01 -19.93
N GLY A 432 -0.94 -29.72 -21.21
CA GLY A 432 -1.99 -29.62 -22.23
C GLY A 432 -2.75 -28.29 -22.23
N GLU A 433 -2.08 -27.23 -21.76
CA GLU A 433 -2.79 -25.96 -21.61
C GLU A 433 -2.10 -24.82 -22.36
N GLU A 434 -2.83 -24.24 -23.34
CA GLU A 434 -2.28 -23.07 -24.02
C GLU A 434 -2.00 -21.94 -23.02
N VAL A 435 -0.75 -21.44 -23.05
CA VAL A 435 -0.38 -20.40 -22.11
C VAL A 435 0.16 -19.16 -22.82
N TRP A 436 -0.54 -18.03 -22.76
CA TRP A 436 0.00 -16.82 -23.35
C TRP A 436 -0.55 -15.57 -22.65
N PHE A 437 0.06 -14.41 -22.99
CA PHE A 437 -0.23 -13.16 -22.29
C PHE A 437 -0.69 -12.06 -23.27
N ASP A 438 -1.78 -11.34 -22.92
CA ASP A 438 -2.14 -10.22 -23.80
C ASP A 438 -1.27 -8.98 -23.53
N GLU A 439 -1.44 -7.99 -24.42
CA GLU A 439 -0.61 -6.79 -24.33
C GLU A 439 -0.49 -6.23 -22.91
N LYS A 440 -1.65 -6.11 -22.27
CA LYS A 440 -1.69 -5.53 -20.92
C LYS A 440 -0.78 -6.29 -19.96
N GLY A 441 -0.95 -7.62 -19.94
CA GLY A 441 -0.18 -8.45 -19.03
C GLY A 441 -0.92 -9.75 -18.69
N ASP A 442 -2.26 -9.65 -18.60
CA ASP A 442 -3.04 -10.81 -18.16
C ASP A 442 -3.04 -11.95 -19.18
N ALA A 443 -3.61 -13.10 -18.75
CA ALA A 443 -3.63 -14.27 -19.60
C ALA A 443 -5.01 -14.95 -19.63
N PRO A 444 -5.05 -16.12 -20.28
CA PRO A 444 -6.27 -16.90 -20.46
C PRO A 444 -6.65 -17.64 -19.18
N GLY A 445 -7.88 -17.40 -18.69
CA GLY A 445 -8.28 -18.02 -17.44
C GLY A 445 -9.74 -18.47 -17.44
N ARG A 446 -9.95 -19.66 -16.85
CA ARG A 446 -11.30 -20.21 -16.70
C ARG A 446 -11.37 -21.04 -15.41
N TYR A 447 -12.52 -20.97 -14.71
CA TYR A 447 -12.62 -21.71 -13.44
C TYR A 447 -13.95 -22.48 -13.28
N ASP A 448 -13.87 -23.55 -12.44
CA ASP A 448 -15.07 -24.35 -12.12
C ASP A 448 -15.66 -23.95 -10.75
N ILE A 449 -16.93 -24.39 -10.54
CA ILE A 449 -17.60 -24.15 -9.26
C ILE A 449 -17.49 -25.37 -8.34
N MET A 450 -17.06 -25.15 -7.10
CA MET A 450 -16.92 -26.26 -6.14
C MET A 450 -17.91 -26.20 -4.99
N ASN A 451 -18.30 -27.38 -4.52
CA ASN A 451 -19.22 -27.46 -3.39
C ASN A 451 -18.74 -28.49 -2.35
N LEU A 452 -18.96 -28.16 -1.07
CA LEU A 452 -18.49 -29.05 -0.02
C LEU A 452 -19.65 -29.71 0.74
N GLN A 453 -19.58 -31.05 0.84
CA GLN A 453 -20.70 -31.76 1.47
C GLN A 453 -20.32 -33.16 2.00
N TYR A 454 -21.33 -33.81 2.61
CA TYR A 454 -21.15 -35.13 3.20
C TYR A 454 -21.50 -36.24 2.20
N THR A 455 -20.47 -36.91 1.65
CA THR A 455 -20.73 -37.98 0.69
C THR A 455 -21.32 -39.23 1.38
N GLU A 456 -21.09 -40.39 0.73
CA GLU A 456 -21.63 -41.63 1.24
C GLU A 456 -20.74 -42.22 2.35
N ALA A 457 -19.43 -42.28 2.06
CA ALA A 457 -18.49 -42.67 3.09
C ALA A 457 -18.39 -41.49 4.05
N ASN A 458 -18.18 -41.80 5.33
CA ASN A 458 -18.09 -40.75 6.33
C ASN A 458 -16.95 -39.77 5.99
N ARG A 459 -17.26 -38.80 5.11
CA ARG A 459 -16.24 -37.83 4.76
C ARG A 459 -16.81 -36.59 4.06
N TYR A 460 -16.36 -35.42 4.56
CA TYR A 460 -16.62 -34.18 3.86
C TYR A 460 -15.64 -34.01 2.69
N ASP A 461 -16.19 -34.20 1.46
CA ASP A 461 -15.34 -34.04 0.28
C ASP A 461 -15.73 -32.80 -0.52
N TYR A 462 -14.74 -32.20 -1.19
CA TYR A 462 -15.06 -31.13 -2.13
C TYR A 462 -15.62 -31.73 -3.44
N VAL A 463 -16.86 -31.31 -3.83
CA VAL A 463 -17.47 -31.87 -5.03
C VAL A 463 -17.53 -30.88 -6.20
N HIS A 464 -17.13 -31.35 -7.39
CA HIS A 464 -17.18 -30.50 -8.56
C HIS A 464 -18.65 -30.39 -8.94
N VAL A 465 -19.18 -29.17 -9.05
CA VAL A 465 -20.59 -29.00 -9.36
C VAL A 465 -20.95 -27.99 -10.46
N GLY A 466 -20.00 -27.67 -11.33
CA GLY A 466 -20.26 -26.73 -12.43
C GLY A 466 -18.99 -25.96 -12.85
N THR A 467 -19.02 -25.42 -14.09
CA THR A 467 -17.89 -24.65 -14.60
C THR A 467 -18.31 -23.35 -15.30
N TRP A 468 -17.30 -22.50 -15.59
CA TRP A 468 -17.54 -21.12 -16.05
C TRP A 468 -16.51 -20.69 -17.11
N HIS A 469 -16.90 -20.58 -18.40
CA HIS A 469 -15.94 -20.13 -19.42
C HIS A 469 -16.49 -18.95 -20.25
N GLU A 470 -15.92 -17.75 -20.00
CA GLU A 470 -16.34 -16.58 -20.77
C GLU A 470 -17.83 -16.25 -20.59
N GLY A 471 -18.19 -15.88 -19.34
CA GLY A 471 -19.56 -15.41 -19.12
C GLY A 471 -20.60 -16.53 -19.11
N VAL A 472 -20.26 -17.64 -19.81
CA VAL A 472 -21.17 -18.79 -19.84
C VAL A 472 -21.07 -19.61 -18.56
N LEU A 473 -22.18 -19.62 -17.78
CA LEU A 473 -22.15 -20.34 -16.51
C LEU A 473 -22.83 -21.72 -16.61
N ASN A 474 -22.05 -22.76 -16.26
CA ASN A 474 -22.56 -24.12 -16.33
C ASN A 474 -22.42 -24.84 -14.98
N ILE A 475 -23.57 -25.00 -14.29
CA ILE A 475 -23.60 -25.83 -13.08
C ILE A 475 -24.35 -27.13 -13.35
N ASP A 476 -24.34 -28.03 -12.35
CA ASP A 476 -25.07 -29.29 -12.54
C ASP A 476 -26.23 -29.43 -11.55
N ASP A 477 -27.34 -28.77 -11.84
CA ASP A 477 -28.51 -28.81 -10.99
C ASP A 477 -28.74 -30.15 -10.29
N TYR A 478 -28.64 -31.24 -11.05
CA TYR A 478 -28.88 -32.56 -10.47
C TYR A 478 -27.82 -33.01 -9.48
N LYS A 479 -26.59 -32.50 -9.62
CA LYS A 479 -25.54 -32.90 -8.70
C LYS A 479 -25.60 -32.12 -7.38
N ILE A 480 -26.53 -31.18 -7.27
CA ILE A 480 -26.70 -30.40 -6.04
C ILE A 480 -28.05 -30.73 -5.41
N ARG B 4 19.93 11.92 -12.35
CA ARG B 4 18.86 12.64 -11.59
C ARG B 4 19.47 13.73 -10.68
N SER B 5 19.10 15.00 -10.89
CA SER B 5 19.69 16.10 -10.13
C SER B 5 19.33 16.22 -8.67
N VAL B 6 20.37 16.35 -7.84
CA VAL B 6 20.26 16.46 -6.39
C VAL B 6 20.83 17.76 -5.84
N ALA B 7 20.28 18.22 -4.72
CA ALA B 7 20.76 19.43 -4.09
C ALA B 7 21.56 18.93 -2.88
N ARG B 8 22.90 19.04 -2.94
CA ARG B 8 23.74 18.57 -1.85
C ARG B 8 24.36 19.69 -1.04
N MET B 9 24.76 19.35 0.18
CA MET B 9 25.43 20.24 1.12
C MET B 9 26.31 19.31 1.95
N ASP B 10 27.54 19.73 2.25
CA ASP B 10 28.41 18.85 3.03
C ASP B 10 28.53 19.35 4.48
N GLY B 11 28.66 18.39 5.38
CA GLY B 11 28.79 18.67 6.81
C GLY B 11 29.29 17.45 7.58
N ASP B 12 28.87 17.32 8.83
CA ASP B 12 29.29 16.18 9.63
C ASP B 12 28.29 15.06 9.53
N VAL B 13 27.02 15.42 9.71
CA VAL B 13 25.90 14.49 9.64
C VAL B 13 24.97 14.93 8.53
N ILE B 14 24.63 14.00 7.66
CA ILE B 14 23.77 14.32 6.55
C ILE B 14 22.35 13.80 6.78
N ILE B 15 21.37 14.72 6.74
CA ILE B 15 19.94 14.40 6.90
C ILE B 15 19.29 14.40 5.52
N GLY B 16 19.03 13.23 4.95
CA GLY B 16 18.43 13.20 3.64
C GLY B 16 16.99 13.67 3.71
N ALA B 17 16.47 14.18 2.59
CA ALA B 17 15.08 14.64 2.55
C ALA B 17 14.49 14.47 1.15
N LEU B 18 13.16 14.40 1.08
CA LEU B 18 12.46 14.25 -0.20
C LEU B 18 11.37 15.30 -0.39
N PHE B 19 11.63 16.31 -1.22
CA PHE B 19 10.66 17.37 -1.48
C PHE B 19 10.12 17.22 -2.88
N SER B 20 8.88 17.65 -3.09
CA SER B 20 8.32 17.58 -4.42
C SER B 20 8.72 18.81 -5.20
N VAL B 21 9.74 18.66 -6.06
CA VAL B 21 10.22 19.82 -6.81
C VAL B 21 9.63 19.85 -8.22
N HIS B 22 9.18 18.65 -8.63
CA HIS B 22 8.50 18.55 -9.89
C HIS B 22 7.14 17.87 -9.66
N HIS B 23 6.15 18.24 -10.50
CA HIS B 23 4.89 17.52 -10.50
C HIS B 23 5.12 16.09 -10.97
N GLN B 24 4.27 15.15 -10.56
CA GLN B 24 4.49 13.78 -11.01
C GLN B 24 4.32 13.65 -12.52
N PRO B 25 5.02 12.66 -13.04
CA PRO B 25 4.97 12.32 -14.46
C PRO B 25 3.60 11.73 -14.78
N PRO B 26 3.04 12.15 -15.92
CA PRO B 26 1.81 11.55 -16.39
C PRO B 26 2.01 10.04 -16.59
N ALA B 27 0.87 9.32 -16.49
CA ALA B 27 0.91 7.86 -16.40
C ALA B 27 1.80 7.20 -17.45
N GLU B 28 1.61 7.64 -18.70
CA GLU B 28 2.39 7.04 -19.79
C GLU B 28 3.87 7.35 -19.66
N LYS B 29 4.17 8.56 -19.13
CA LYS B 29 5.56 8.95 -19.03
C LYS B 29 6.22 8.40 -17.75
N VAL B 30 5.39 7.72 -16.93
CA VAL B 30 5.82 7.30 -15.60
C VAL B 30 6.94 6.23 -15.59
N PRO B 31 6.75 5.14 -16.35
CA PRO B 31 7.73 4.05 -16.34
C PRO B 31 9.15 4.55 -16.66
N GLU B 32 9.21 5.77 -17.19
CA GLU B 32 10.48 6.41 -17.53
C GLU B 32 10.88 7.56 -16.59
N ARG B 33 9.95 7.93 -15.71
CA ARG B 33 10.17 8.95 -14.70
C ARG B 33 10.52 10.35 -15.20
N LYS B 34 9.60 10.92 -15.95
CA LYS B 34 9.74 12.27 -16.50
C LYS B 34 8.81 13.18 -15.68
N CYS B 35 9.20 13.47 -14.45
CA CYS B 35 8.35 14.31 -13.62
C CYS B 35 8.02 15.61 -14.34
N GLY B 36 6.74 15.98 -14.32
CA GLY B 36 6.26 17.17 -14.98
C GLY B 36 6.97 18.50 -14.77
N GLU B 37 6.24 19.50 -14.28
CA GLU B 37 6.77 20.82 -14.05
C GLU B 37 7.38 21.05 -12.69
N ILE B 38 8.25 22.05 -12.61
CA ILE B 38 8.90 22.40 -11.36
C ILE B 38 7.89 23.10 -10.46
N ARG B 39 7.89 22.73 -9.18
CA ARG B 39 6.95 23.31 -8.22
C ARG B 39 7.67 24.18 -7.19
N GLU B 40 7.18 25.43 -7.05
CA GLU B 40 7.75 26.34 -6.08
C GLU B 40 6.96 26.33 -4.78
N GLN B 41 5.64 26.06 -4.94
CA GLN B 41 4.76 25.97 -3.79
C GLN B 41 5.23 24.89 -2.80
N TYR B 42 5.04 23.62 -3.23
CA TYR B 42 5.47 22.50 -2.39
C TYR B 42 6.91 22.05 -2.73
N GLY B 43 7.57 22.79 -3.66
CA GLY B 43 8.87 22.34 -4.17
C GLY B 43 10.04 23.24 -3.78
N ILE B 44 10.26 24.31 -4.58
CA ILE B 44 11.47 25.13 -4.43
C ILE B 44 11.57 25.86 -3.09
N GLN B 45 10.42 26.38 -2.64
CA GLN B 45 10.47 27.17 -1.42
C GLN B 45 10.99 26.35 -0.25
N ARG B 46 10.85 25.02 -0.39
CA ARG B 46 11.34 24.13 0.66
C ARG B 46 12.82 23.80 0.49
N VAL B 47 13.21 23.39 -0.73
CA VAL B 47 14.62 23.10 -0.94
C VAL B 47 15.49 24.25 -0.44
N GLU B 48 15.04 25.47 -0.80
CA GLU B 48 15.74 26.65 -0.32
C GLU B 48 15.49 26.86 1.17
N ALA B 49 14.47 26.17 1.69
CA ALA B 49 14.13 26.24 3.10
C ALA B 49 14.89 25.16 3.87
N MET B 50 15.18 24.05 3.19
CA MET B 50 15.99 23.01 3.82
C MET B 50 17.45 23.46 3.96
N PHE B 51 17.89 24.26 2.97
CA PHE B 51 19.22 24.83 2.94
C PHE B 51 19.38 25.93 4.00
N HIS B 52 18.37 26.82 3.97
CA HIS B 52 18.39 27.98 4.83
C HIS B 52 18.41 27.58 6.31
N THR B 53 17.40 26.75 6.66
CA THR B 53 17.29 26.31 8.05
C THR B 53 18.59 25.71 8.57
N LEU B 54 19.12 24.73 7.81
CA LEU B 54 20.36 24.12 8.24
C LEU B 54 21.45 25.17 8.48
N ASP B 55 21.34 26.27 7.71
CA ASP B 55 22.28 27.37 7.89
C ASP B 55 22.15 28.01 9.28
N LYS B 56 20.90 28.34 9.63
CA LYS B 56 20.65 29.02 10.89
C LYS B 56 20.98 28.14 12.10
N ILE B 57 21.08 26.82 11.83
CA ILE B 57 21.40 25.89 12.90
C ILE B 57 22.91 25.79 13.12
N ASN B 58 23.65 25.81 12.00
CA ASN B 58 25.09 25.86 12.11
C ASN B 58 25.56 27.27 12.50
N ALA B 59 24.57 28.14 12.65
CA ALA B 59 24.79 29.52 13.03
C ALA B 59 24.54 29.66 14.51
N ASP B 60 23.75 28.73 15.05
CA ASP B 60 23.40 28.72 16.47
C ASP B 60 24.43 27.93 17.26
N PRO B 61 25.03 28.56 18.29
CA PRO B 61 26.05 27.95 19.15
C PRO B 61 25.48 27.18 20.34
N VAL B 62 24.16 27.20 20.48
CA VAL B 62 23.49 26.50 21.56
C VAL B 62 23.25 25.03 21.24
N LEU B 63 22.78 24.80 19.99
CA LEU B 63 22.50 23.44 19.53
C LEU B 63 23.47 23.01 18.43
N LEU B 64 23.89 21.72 18.47
CA LEU B 64 24.87 21.25 17.50
C LEU B 64 26.00 22.27 17.33
N PRO B 65 26.75 22.42 18.43
CA PRO B 65 27.79 23.43 18.56
C PRO B 65 28.96 23.20 17.61
N ASN B 66 29.46 21.94 17.60
CA ASN B 66 30.63 21.64 16.80
C ASN B 66 30.33 20.61 15.70
N ILE B 67 29.14 20.00 15.83
CA ILE B 67 28.69 19.09 14.79
C ILE B 67 27.86 19.82 13.74
N THR B 68 28.14 19.61 12.46
CA THR B 68 27.44 20.32 11.38
C THR B 68 26.55 19.42 10.60
N LEU B 69 25.39 19.96 10.23
CA LEU B 69 24.43 19.20 9.46
C LEU B 69 24.50 19.56 7.99
N GLY B 70 24.59 18.51 7.18
CA GLY B 70 24.66 18.68 5.75
C GLY B 70 23.42 18.03 5.20
N SER B 71 23.16 18.24 3.92
CA SER B 71 21.95 17.68 3.34
C SER B 71 22.07 17.04 1.95
N GLU B 72 21.23 16.04 1.73
CA GLU B 72 21.13 15.30 0.48
C GLU B 72 19.65 15.39 0.20
N ILE B 73 19.28 16.38 -0.60
CA ILE B 73 17.91 16.67 -0.94
C ILE B 73 17.55 16.13 -2.30
N ARG B 74 16.62 15.16 -2.35
CA ARG B 74 16.19 14.57 -3.62
C ARG B 74 14.74 14.87 -3.96
N ASP B 75 14.43 14.85 -5.26
CA ASP B 75 13.09 15.14 -5.73
C ASP B 75 12.15 13.96 -5.51
N SER B 76 10.92 14.30 -5.11
CA SER B 76 9.95 13.28 -4.75
C SER B 76 8.84 13.12 -5.80
N CYS B 77 8.62 14.19 -6.60
CA CYS B 77 7.62 14.17 -7.68
C CYS B 77 6.19 13.83 -7.23
N TRP B 78 5.94 13.97 -5.91
CA TRP B 78 4.61 13.65 -5.43
C TRP B 78 4.10 12.33 -5.99
N HIS B 79 4.98 11.33 -5.92
CA HIS B 79 4.67 10.03 -6.50
C HIS B 79 5.47 8.93 -5.81
N SER B 80 4.90 7.72 -5.80
CA SER B 80 5.53 6.68 -5.02
C SER B 80 6.75 6.06 -5.72
N SER B 81 6.85 6.28 -7.05
CA SER B 81 7.91 5.64 -7.82
C SER B 81 9.19 6.50 -7.95
N VAL B 82 9.01 7.78 -8.30
CA VAL B 82 10.19 8.64 -8.36
C VAL B 82 10.77 8.84 -6.96
N ALA B 83 9.87 8.71 -5.97
CA ALA B 83 10.31 8.77 -4.59
C ALA B 83 10.92 7.44 -4.14
N LEU B 84 10.16 6.36 -4.39
CA LEU B 84 10.71 5.04 -4.09
C LEU B 84 12.08 4.86 -4.75
N GLU B 85 12.25 5.52 -5.91
CA GLU B 85 13.53 5.41 -6.61
C GLU B 85 14.65 6.13 -5.85
N GLN B 86 14.39 7.41 -5.56
CA GLN B 86 15.40 8.24 -4.91
C GLN B 86 15.78 7.69 -3.53
N SER B 87 14.79 7.04 -2.89
CA SER B 87 15.07 6.46 -1.59
C SER B 87 16.15 5.39 -1.68
N ILE B 88 16.13 4.65 -2.80
CA ILE B 88 17.16 3.65 -3.01
C ILE B 88 18.54 4.31 -3.14
N GLU B 89 18.55 5.56 -3.66
CA GLU B 89 19.83 6.24 -3.78
C GLU B 89 20.41 6.53 -2.40
N PHE B 90 19.59 6.31 -1.38
CA PHE B 90 20.00 6.54 -0.01
C PHE B 90 20.74 5.35 0.55
N ILE B 91 20.21 4.17 0.33
CA ILE B 91 20.87 2.97 0.83
C ILE B 91 21.88 2.38 -0.16
N ARG B 92 23.14 2.74 0.02
CA ARG B 92 24.25 2.28 -0.81
C ARG B 92 25.56 2.39 -0.01
N LYS B 122 29.49 9.78 2.86
CA LYS B 122 28.74 9.67 4.10
C LYS B 122 27.31 9.22 3.86
N PRO B 123 26.82 8.36 4.79
CA PRO B 123 25.46 7.84 4.75
C PRO B 123 24.47 8.76 5.44
N ILE B 124 23.16 8.56 5.12
CA ILE B 124 22.12 9.42 5.68
C ILE B 124 21.69 9.01 7.09
N ALA B 125 21.55 10.04 7.95
CA ALA B 125 21.10 9.79 9.32
C ALA B 125 19.58 9.65 9.40
N GLY B 126 18.88 10.69 8.89
CA GLY B 126 17.43 10.65 8.93
C GLY B 126 16.82 11.26 7.66
N VAL B 127 15.59 10.82 7.35
CA VAL B 127 14.93 11.35 6.18
C VAL B 127 13.76 12.27 6.55
N ILE B 128 13.79 13.47 5.94
CA ILE B 128 12.63 14.33 5.99
C ILE B 128 11.81 14.13 4.72
N GLY B 129 10.54 13.71 4.90
CA GLY B 129 9.68 13.51 3.74
C GLY B 129 9.02 12.11 3.74
N PRO B 130 8.19 11.87 2.69
CA PRO B 130 7.90 12.88 1.69
C PRO B 130 6.68 13.71 2.10
N GLY B 131 5.92 14.15 1.07
CA GLY B 131 4.79 15.05 1.33
C GLY B 131 3.45 14.31 1.40
N SER B 132 3.39 13.15 0.71
CA SER B 132 2.13 12.42 0.69
C SER B 132 2.24 11.05 1.37
N SER B 133 1.18 10.70 2.13
CA SER B 133 1.18 9.42 2.83
C SER B 133 1.25 8.24 1.86
N SER B 134 0.38 8.29 0.83
CA SER B 134 0.48 7.26 -0.20
C SER B 134 1.94 6.90 -0.43
N VAL B 135 2.76 7.99 -0.53
CA VAL B 135 4.20 7.88 -0.73
C VAL B 135 4.96 7.47 0.54
N ALA B 136 4.45 7.93 1.69
CA ALA B 136 5.18 7.71 2.94
C ALA B 136 5.37 6.23 3.25
N ILE B 137 4.26 5.49 3.13
CA ILE B 137 4.30 4.06 3.39
C ILE B 137 5.31 3.35 2.48
N GLN B 138 5.20 3.63 1.18
CA GLN B 138 6.11 3.02 0.21
C GLN B 138 7.57 3.22 0.63
N VAL B 139 7.92 4.50 0.87
CA VAL B 139 9.28 4.78 1.32
C VAL B 139 9.56 4.17 2.69
N GLN B 140 8.79 4.64 3.69
CA GLN B 140 8.99 4.14 5.04
C GLN B 140 9.03 2.61 5.09
N ASN B 141 8.24 1.99 4.20
CA ASN B 141 8.27 0.53 4.13
C ASN B 141 9.68 0.02 3.88
N LEU B 142 10.40 0.77 3.01
CA LEU B 142 11.78 0.43 2.72
C LEU B 142 12.70 0.80 3.89
N LEU B 143 12.75 2.12 4.17
CA LEU B 143 13.66 2.66 5.18
C LEU B 143 13.68 1.86 6.48
N GLN B 144 12.49 1.40 6.90
CA GLN B 144 12.46 0.72 8.18
C GLN B 144 13.26 -0.58 8.14
N LEU B 145 13.59 -1.00 6.90
CA LEU B 145 14.38 -2.21 6.72
C LEU B 145 15.84 -2.03 7.15
N PHE B 146 16.36 -0.79 6.92
CA PHE B 146 17.76 -0.51 7.25
C PHE B 146 17.91 0.44 8.45
N ASP B 147 16.82 0.60 9.22
CA ASP B 147 16.87 1.49 10.37
C ASP B 147 17.24 2.92 9.99
N ILE B 148 16.38 3.52 9.17
CA ILE B 148 16.47 4.95 8.98
C ILE B 148 15.20 5.61 9.55
N PRO B 149 15.42 6.47 10.56
CA PRO B 149 14.31 7.21 11.16
C PRO B 149 13.81 8.31 10.23
N GLN B 150 12.48 8.34 10.05
CA GLN B 150 11.91 9.27 9.08
C GLN B 150 10.89 10.22 9.74
N ILE B 151 11.05 11.52 9.45
CA ILE B 151 10.11 12.50 10.00
C ILE B 151 9.28 13.19 8.91
N ALA B 152 7.95 12.98 8.99
CA ALA B 152 7.08 13.60 8.01
C ALA B 152 6.40 14.85 8.56
N TYR B 153 6.03 15.75 7.64
CA TYR B 153 5.33 16.94 8.11
C TYR B 153 3.98 17.11 7.42
N SER B 154 3.75 16.29 6.38
CA SER B 154 2.50 16.41 5.61
C SER B 154 1.57 15.20 5.75
N ALA B 155 2.14 14.03 6.05
CA ALA B 155 1.31 12.81 6.13
C ALA B 155 0.36 12.83 7.34
N THR B 156 -0.93 12.45 7.08
CA THR B 156 -1.95 12.57 8.13
C THR B 156 -2.62 11.22 8.46
N SER B 157 -2.50 10.27 7.52
CA SER B 157 -3.25 9.03 7.65
C SER B 157 -2.93 8.30 8.96
N ILE B 158 -3.97 7.65 9.53
CA ILE B 158 -3.77 6.88 10.75
C ILE B 158 -2.96 5.61 10.48
N ASP B 159 -2.92 5.24 9.18
CA ASP B 159 -2.21 4.02 8.83
C ASP B 159 -0.81 3.95 9.45
N LEU B 160 -0.10 5.10 9.37
CA LEU B 160 1.29 5.11 9.84
C LEU B 160 1.41 4.92 11.36
N SER B 161 0.44 5.50 12.10
CA SER B 161 0.52 5.42 13.55
C SER B 161 0.59 3.97 14.06
N ASP B 162 0.15 3.05 13.19
CA ASP B 162 0.30 1.63 13.52
C ASP B 162 1.77 1.21 13.43
N LYS B 163 2.51 1.52 14.52
CA LYS B 163 3.97 1.41 14.47
C LYS B 163 4.47 -0.03 14.35
N THR B 164 3.62 -1.03 14.20
CA THR B 164 4.24 -2.31 13.89
C THR B 164 4.82 -2.19 12.48
N LEU B 165 3.91 -1.74 11.61
CA LEU B 165 4.20 -1.62 10.20
C LEU B 165 5.34 -0.64 9.89
N TYR B 166 5.32 0.51 10.60
CA TYR B 166 6.38 1.50 10.36
C TYR B 166 7.05 1.95 11.65
N LYS B 167 7.91 1.07 12.18
CA LYS B 167 8.55 1.37 13.46
C LYS B 167 9.36 2.68 13.40
N TYR B 168 9.83 3.03 12.19
CA TYR B 168 10.73 4.18 12.11
C TYR B 168 10.08 5.45 11.53
N PHE B 169 8.73 5.56 11.64
CA PHE B 169 8.06 6.74 11.09
C PHE B 169 7.54 7.70 12.18
N LEU B 170 7.86 9.00 12.00
CA LEU B 170 7.33 10.01 12.91
C LEU B 170 7.13 11.36 12.23
N ARG B 171 6.20 12.17 12.79
CA ARG B 171 5.89 13.44 12.16
C ARG B 171 5.61 14.55 13.19
N VAL B 172 5.89 15.80 12.76
CA VAL B 172 5.64 16.96 13.60
C VAL B 172 4.22 17.47 13.41
N VAL B 173 3.45 16.70 12.63
CA VAL B 173 2.07 17.08 12.42
C VAL B 173 1.12 16.04 13.01
N PRO B 174 -0.04 16.55 13.46
CA PRO B 174 -1.07 15.70 14.05
C PRO B 174 -1.62 14.70 13.05
N SER B 175 -2.23 13.63 13.62
CA SER B 175 -2.97 12.68 12.80
C SER B 175 -4.42 13.11 12.65
N ASP B 176 -5.06 12.54 11.61
CA ASP B 176 -6.46 12.81 11.36
C ASP B 176 -7.35 12.43 12.55
N THR B 177 -7.11 11.21 13.11
CA THR B 177 -7.89 10.81 14.28
C THR B 177 -8.00 11.99 15.24
N LEU B 178 -6.91 12.78 15.25
CA LEU B 178 -6.91 13.98 16.07
C LEU B 178 -7.73 15.09 15.41
N GLN B 179 -7.50 15.33 14.12
CA GLN B 179 -8.27 16.38 13.47
C GLN B 179 -9.75 16.05 13.52
N ALA B 180 -10.10 14.79 13.34
CA ALA B 180 -11.51 14.42 13.38
C ALA B 180 -12.00 14.49 14.81
N ARG B 181 -11.17 14.01 15.73
CA ARG B 181 -11.53 14.02 17.14
C ARG B 181 -12.14 15.36 17.56
N ALA B 182 -11.73 16.46 16.90
CA ALA B 182 -12.25 17.80 17.21
C ALA B 182 -13.61 18.03 16.55
N MET B 183 -13.73 17.56 15.32
CA MET B 183 -15.00 17.67 14.62
C MET B 183 -16.02 16.88 15.42
N LEU B 184 -15.61 15.75 16.01
CA LEU B 184 -16.56 14.99 16.82
C LEU B 184 -16.92 15.83 18.02
N ASP B 185 -16.04 16.77 18.39
CA ASP B 185 -16.28 17.58 19.58
C ASP B 185 -17.09 18.85 19.28
N ILE B 186 -17.01 19.34 18.02
CA ILE B 186 -17.85 20.48 17.69
C ILE B 186 -19.31 20.04 17.63
N VAL B 187 -19.48 18.69 17.55
CA VAL B 187 -20.81 18.12 17.51
C VAL B 187 -21.33 17.77 18.90
N LYS B 188 -20.47 17.08 19.69
CA LYS B 188 -20.87 16.74 21.04
C LYS B 188 -21.24 17.99 21.86
N ARG B 189 -20.74 19.14 21.37
CA ARG B 189 -20.94 20.39 22.10
C ARG B 189 -22.37 20.94 21.90
N TYR B 190 -23.12 20.31 20.95
CA TYR B 190 -24.49 20.77 20.67
C TYR B 190 -25.56 19.66 20.78
N ASN B 191 -25.15 18.49 21.34
CA ASN B 191 -26.09 17.37 21.51
C ASN B 191 -26.83 16.97 20.22
N TRP B 192 -26.08 16.94 19.12
CA TRP B 192 -26.61 16.51 17.86
C TRP B 192 -26.37 14.99 17.89
N THR B 193 -27.45 14.22 17.87
CA THR B 193 -27.34 12.77 17.92
C THR B 193 -27.14 12.07 16.58
N TYR B 194 -28.05 12.30 15.63
CA TYR B 194 -27.95 11.70 14.28
C TYR B 194 -27.14 12.66 13.41
N VAL B 195 -26.25 12.13 12.57
CA VAL B 195 -25.45 12.96 11.67
C VAL B 195 -25.03 12.19 10.44
N SER B 196 -24.63 12.91 9.39
CA SER B 196 -24.18 12.23 8.19
C SER B 196 -22.72 12.52 7.96
N ALA B 197 -22.05 11.60 7.28
CA ALA B 197 -20.63 11.73 7.00
C ALA B 197 -20.27 11.46 5.56
N VAL B 198 -19.87 12.52 4.87
CA VAL B 198 -19.45 12.45 3.48
C VAL B 198 -17.95 12.73 3.50
N HIS B 199 -17.15 11.98 2.73
CA HIS B 199 -15.71 12.19 2.72
C HIS B 199 -15.13 11.98 1.35
N THR B 200 -14.23 12.85 0.92
CA THR B 200 -13.66 12.64 -0.40
C THR B 200 -13.03 11.26 -0.54
N GLU B 201 -13.37 10.61 -1.66
CA GLU B 201 -12.89 9.26 -1.90
C GLU B 201 -11.37 9.22 -2.07
N GLY B 202 -10.75 8.25 -1.37
CA GLY B 202 -9.30 8.20 -1.38
C GLY B 202 -8.73 8.45 0.03
N ASN B 203 -7.47 8.92 0.03
CA ASN B 203 -6.65 8.84 1.24
C ASN B 203 -7.03 9.84 2.35
N TYR B 204 -7.06 11.14 1.98
CA TYR B 204 -7.24 12.20 2.98
C TYR B 204 -8.55 12.03 3.77
N GLY B 205 -9.63 11.84 3.01
CA GLY B 205 -10.94 11.69 3.64
C GLY B 205 -11.12 10.30 4.25
N GLU B 206 -10.97 9.28 3.39
CA GLU B 206 -11.20 7.91 3.84
C GLU B 206 -10.39 7.59 5.10
N SER B 207 -9.22 8.23 5.21
CA SER B 207 -8.38 7.98 6.38
C SER B 207 -8.89 8.69 7.62
N GLY B 208 -9.22 9.98 7.44
CA GLY B 208 -9.70 10.77 8.58
C GLY B 208 -11.08 10.28 9.05
N MET B 209 -11.96 10.02 8.07
CA MET B 209 -13.31 9.60 8.41
C MET B 209 -13.33 8.29 9.22
N ASP B 210 -12.59 7.29 8.70
CA ASP B 210 -12.57 5.99 9.37
C ASP B 210 -12.30 6.13 10.87
N ALA B 211 -11.82 7.32 11.24
CA ALA B 211 -11.59 7.60 12.65
C ALA B 211 -12.78 8.35 13.26
N PHE B 212 -13.25 9.39 12.55
CA PHE B 212 -14.47 10.05 13.00
C PHE B 212 -15.56 9.00 13.24
N LYS B 213 -15.38 7.83 12.60
CA LYS B 213 -16.38 6.77 12.67
C LYS B 213 -16.24 5.92 13.93
N GLU B 214 -15.00 5.56 14.25
CA GLU B 214 -14.78 4.81 15.48
C GLU B 214 -15.21 5.65 16.67
N LEU B 215 -14.59 6.84 16.77
CA LEU B 215 -14.88 7.71 17.89
C LEU B 215 -16.38 7.88 18.15
N ALA B 216 -17.19 7.85 17.05
CA ALA B 216 -18.62 8.12 17.21
C ALA B 216 -19.43 6.90 17.72
N ALA B 217 -19.01 5.71 17.28
CA ALA B 217 -19.64 4.50 17.81
C ALA B 217 -19.30 4.36 19.29
N GLN B 218 -18.07 4.84 19.62
CA GLN B 218 -17.60 4.78 20.99
C GLN B 218 -18.30 5.82 21.86
N GLU B 219 -18.92 6.85 21.28
CA GLU B 219 -19.57 7.85 22.12
C GLU B 219 -21.06 8.01 21.83
N GLY B 220 -21.59 7.07 21.04
CA GLY B 220 -23.01 7.05 20.70
C GLY B 220 -23.54 8.02 19.68
N LEU B 221 -22.91 8.06 18.51
CA LEU B 221 -23.37 8.96 17.48
C LEU B 221 -23.82 8.15 16.28
N CYS B 222 -25.12 8.01 16.12
CA CYS B 222 -25.70 7.25 15.02
C CYS B 222 -25.47 7.95 13.68
N ILE B 223 -24.76 7.26 12.77
CA ILE B 223 -24.49 7.79 11.44
C ILE B 223 -25.65 7.43 10.52
N ALA B 224 -26.19 8.43 9.83
CA ALA B 224 -27.34 8.24 8.95
C ALA B 224 -26.97 7.82 7.54
N HIS B 225 -25.98 8.49 6.98
CA HIS B 225 -25.57 8.20 5.61
C HIS B 225 -24.08 8.53 5.39
N SER B 226 -23.33 7.50 4.97
CA SER B 226 -21.93 7.70 4.64
C SER B 226 -21.65 7.33 3.18
N ASP B 227 -21.12 8.31 2.40
CA ASP B 227 -20.87 8.07 0.98
C ASP B 227 -19.58 8.77 0.47
N LYS B 228 -18.96 8.17 -0.59
CA LYS B 228 -17.66 8.63 -1.10
C LYS B 228 -17.76 9.32 -2.48
N ILE B 229 -17.06 10.49 -2.62
CA ILE B 229 -17.06 11.17 -3.93
C ILE B 229 -15.64 11.53 -4.42
N TYR B 230 -15.19 10.85 -5.50
CA TYR B 230 -13.95 11.30 -6.15
C TYR B 230 -14.08 12.78 -6.56
N SER B 231 -13.06 13.59 -6.17
CA SER B 231 -13.16 15.03 -6.42
C SER B 231 -13.67 15.36 -7.84
N ASN B 232 -13.17 14.57 -8.82
CA ASN B 232 -13.50 14.82 -10.22
C ASN B 232 -14.68 13.97 -10.71
N ALA B 233 -15.70 13.86 -9.85
CA ALA B 233 -16.89 13.10 -10.24
C ALA B 233 -17.89 13.98 -10.98
N GLY B 234 -18.77 13.31 -11.75
CA GLY B 234 -19.74 14.05 -12.55
C GLY B 234 -20.78 14.76 -11.69
N GLU B 235 -21.45 15.76 -12.29
CA GLU B 235 -22.59 16.36 -11.63
C GLU B 235 -23.65 15.29 -11.31
N LYS B 236 -23.69 14.28 -12.21
CA LYS B 236 -24.62 13.17 -12.06
C LYS B 236 -24.54 12.53 -10.68
N SER B 237 -23.31 12.12 -10.33
CA SER B 237 -23.08 11.54 -9.02
C SER B 237 -22.79 12.61 -7.97
N PHE B 238 -22.23 13.73 -8.43
CA PHE B 238 -22.07 14.82 -7.47
C PHE B 238 -23.43 15.27 -6.95
N ASP B 239 -24.46 15.11 -7.80
CA ASP B 239 -25.82 15.45 -7.39
C ASP B 239 -26.47 14.35 -6.53
N ARG B 240 -26.30 13.09 -6.99
CA ARG B 240 -26.93 11.99 -6.26
C ARG B 240 -26.64 12.08 -4.76
N LEU B 241 -25.50 12.71 -4.44
CA LEU B 241 -25.20 12.90 -3.02
C LEU B 241 -26.32 13.68 -2.33
N LEU B 242 -26.59 14.88 -2.88
CA LEU B 242 -27.65 15.71 -2.29
C LEU B 242 -28.96 14.94 -2.14
N ARG B 243 -29.44 14.37 -3.25
CA ARG B 243 -30.71 13.67 -3.18
C ARG B 243 -30.71 12.63 -2.05
N LYS B 244 -29.54 11.98 -1.85
CA LYS B 244 -29.45 10.98 -0.80
C LYS B 244 -29.39 11.60 0.62
N LEU B 245 -28.52 12.62 0.77
CA LEU B 245 -28.42 13.34 2.05
C LEU B 245 -29.77 13.88 2.53
N ARG B 246 -30.36 14.73 1.66
CA ARG B 246 -31.65 15.32 2.00
C ARG B 246 -32.66 14.24 2.38
N GLU B 247 -32.63 13.13 1.61
CA GLU B 247 -33.53 12.01 1.92
C GLU B 247 -33.55 11.71 3.42
N ARG B 248 -32.37 11.89 4.05
CA ARG B 248 -32.26 11.62 5.48
C ARG B 248 -32.39 12.90 6.33
N LEU B 249 -33.60 13.50 6.27
CA LEU B 249 -33.92 14.69 7.07
C LEU B 249 -35.27 14.51 7.75
N PRO B 250 -35.70 15.51 8.57
CA PRO B 250 -34.85 16.63 9.00
C PRO B 250 -34.18 16.25 10.31
N LYS B 251 -34.17 14.93 10.56
CA LYS B 251 -33.62 14.42 11.80
C LYS B 251 -32.08 14.45 11.79
N ALA B 252 -31.53 14.96 10.66
CA ALA B 252 -30.07 15.07 10.53
C ALA B 252 -29.64 16.26 9.66
N ARG B 253 -29.81 17.50 10.20
CA ARG B 253 -29.40 18.69 9.42
C ARG B 253 -27.86 18.84 9.38
N VAL B 254 -27.15 17.94 10.05
CA VAL B 254 -25.71 18.02 10.12
C VAL B 254 -25.00 17.03 9.22
N VAL B 255 -24.35 17.55 8.20
CA VAL B 255 -23.61 16.74 7.25
C VAL B 255 -22.16 16.98 7.55
N VAL B 256 -21.43 15.94 7.94
CA VAL B 256 -20.01 16.08 8.26
C VAL B 256 -19.11 15.97 7.01
N CYS B 257 -17.95 16.62 7.02
CA CYS B 257 -17.08 16.52 5.88
C CYS B 257 -15.59 16.42 6.15
N PHE B 258 -15.02 15.29 5.76
CA PHE B 258 -13.60 15.02 5.91
C PHE B 258 -13.12 15.04 4.49
N CYS B 259 -13.87 15.79 3.71
CA CYS B 259 -13.69 15.94 2.29
C CYS B 259 -12.51 16.83 1.86
N GLU B 260 -12.24 16.81 0.56
CA GLU B 260 -11.19 17.66 -0.04
C GLU B 260 -12.05 18.84 -0.47
N GLY B 261 -11.51 20.05 -0.43
CA GLY B 261 -12.30 21.26 -0.79
C GLY B 261 -13.19 21.09 -2.05
N MET B 262 -12.60 20.52 -3.12
CA MET B 262 -13.32 20.38 -4.39
C MET B 262 -14.57 19.50 -4.23
N THR B 263 -14.39 18.40 -3.48
CA THR B 263 -15.57 17.59 -3.16
C THR B 263 -16.63 18.47 -2.48
N VAL B 264 -16.12 19.52 -1.78
CA VAL B 264 -16.99 20.47 -1.09
C VAL B 264 -17.65 21.48 -2.03
N ARG B 265 -16.84 22.03 -2.94
CA ARG B 265 -17.43 22.95 -3.90
C ARG B 265 -18.54 22.23 -4.67
N GLY B 266 -18.17 21.05 -5.19
CA GLY B 266 -19.11 20.23 -5.95
C GLY B 266 -20.44 20.05 -5.21
N LEU B 267 -20.35 19.83 -3.88
CA LEU B 267 -21.58 19.68 -3.11
C LEU B 267 -22.40 20.97 -3.15
N LEU B 268 -21.69 22.10 -3.05
CA LEU B 268 -22.39 23.38 -3.13
C LEU B 268 -23.00 23.57 -4.52
N SER B 269 -22.20 23.18 -5.56
CA SER B 269 -22.69 23.32 -6.92
C SER B 269 -24.07 22.71 -7.07
N ALA B 270 -24.19 21.46 -6.64
CA ALA B 270 -25.50 20.83 -6.69
C ALA B 270 -26.53 21.63 -5.88
N MET B 271 -26.06 22.14 -4.73
CA MET B 271 -26.94 22.98 -3.92
C MET B 271 -27.68 23.99 -4.78
N ARG B 272 -26.90 24.94 -5.33
CA ARG B 272 -27.50 25.97 -6.17
C ARG B 272 -28.12 25.35 -7.44
N ARG B 273 -27.67 24.13 -7.76
CA ARG B 273 -28.15 23.43 -8.96
C ARG B 273 -29.60 22.93 -8.83
N LEU B 274 -30.02 22.72 -7.56
CA LEU B 274 -31.33 22.12 -7.30
C LEU B 274 -32.33 23.15 -6.75
N GLY B 275 -31.77 24.28 -6.29
CA GLY B 275 -32.63 25.36 -5.79
C GLY B 275 -32.59 25.48 -4.28
N VAL B 276 -31.94 24.50 -3.63
CA VAL B 276 -31.90 24.48 -2.17
C VAL B 276 -30.75 25.30 -1.60
N VAL B 277 -31.08 26.00 -0.51
CA VAL B 277 -30.07 26.69 0.28
C VAL B 277 -30.44 26.65 1.76
N GLY B 278 -29.42 26.45 2.61
CA GLY B 278 -29.65 26.59 4.05
C GLY B 278 -30.46 25.43 4.64
N GLU B 279 -30.53 24.31 3.90
CA GLU B 279 -31.22 23.15 4.47
C GLU B 279 -30.45 22.54 5.65
N PHE B 280 -29.20 22.18 5.37
CA PHE B 280 -28.40 21.59 6.44
C PHE B 280 -27.12 22.36 6.72
N SER B 281 -26.47 21.92 7.82
CA SER B 281 -25.24 22.53 8.26
C SER B 281 -24.05 21.57 8.08
N LEU B 282 -23.00 22.11 7.42
CA LEU B 282 -21.80 21.31 7.17
C LEU B 282 -20.67 21.68 8.11
N ILE B 283 -19.82 20.68 8.38
CA ILE B 283 -18.59 20.92 9.12
C ILE B 283 -17.39 20.40 8.32
N GLY B 284 -16.62 21.35 7.74
CA GLY B 284 -15.58 20.94 6.80
C GLY B 284 -14.18 20.96 7.43
N SER B 285 -13.47 19.82 7.27
CA SER B 285 -12.11 19.71 7.77
C SER B 285 -11.16 20.62 6.99
N ASP B 286 -9.87 20.61 7.42
CA ASP B 286 -8.94 21.53 6.78
C ASP B 286 -8.82 21.31 5.27
N GLY B 287 -9.55 20.30 4.76
CA GLY B 287 -9.53 20.07 3.33
C GLY B 287 -10.18 21.28 2.69
N TRP B 288 -11.33 21.65 3.22
CA TRP B 288 -12.03 22.82 2.79
C TRP B 288 -11.21 23.95 3.28
N ALA B 289 -11.02 23.98 4.59
CA ALA B 289 -10.24 25.03 5.23
C ALA B 289 -10.95 26.36 5.04
N ASP B 290 -10.28 27.45 5.39
CA ASP B 290 -10.76 28.82 5.21
C ASP B 290 -10.22 29.34 3.89
N ARG B 291 -10.17 28.40 2.94
CA ARG B 291 -9.73 28.74 1.61
C ARG B 291 -10.75 29.62 0.92
N ASP B 292 -10.28 30.45 -0.02
CA ASP B 292 -11.21 31.31 -0.71
C ASP B 292 -11.52 30.84 -2.14
N GLU B 293 -10.66 29.93 -2.64
CA GLU B 293 -10.88 29.41 -3.98
C GLU B 293 -11.86 28.21 -3.98
N VAL B 294 -12.76 28.18 -2.96
CA VAL B 294 -13.73 27.08 -2.85
C VAL B 294 -15.18 27.54 -2.95
N ILE B 295 -15.43 28.80 -2.55
CA ILE B 295 -16.79 29.37 -2.54
C ILE B 295 -17.11 30.44 -3.60
N GLU B 296 -16.14 30.77 -4.42
CA GLU B 296 -16.34 31.78 -5.44
C GLU B 296 -17.62 31.48 -6.23
N GLY B 297 -18.53 32.45 -6.26
CA GLY B 297 -19.74 32.29 -7.05
C GLY B 297 -20.87 31.58 -6.27
N TYR B 298 -20.49 30.60 -5.43
CA TYR B 298 -21.42 29.78 -4.67
C TYR B 298 -21.57 30.22 -3.20
N GLU B 299 -21.20 31.49 -2.90
CA GLU B 299 -21.08 31.95 -1.51
C GLU B 299 -22.36 31.72 -0.70
N VAL B 300 -23.47 32.16 -1.30
CA VAL B 300 -24.74 32.21 -0.59
C VAL B 300 -25.14 30.84 -0.03
N GLU B 301 -24.82 29.78 -0.80
CA GLU B 301 -25.28 28.49 -0.35
C GLU B 301 -24.40 27.89 0.78
N ALA B 302 -23.18 28.47 0.96
CA ALA B 302 -22.24 27.89 1.94
C ALA B 302 -22.21 28.59 3.31
N ASN B 303 -22.95 29.72 3.43
CA ASN B 303 -22.95 30.43 4.71
C ASN B 303 -23.47 29.55 5.85
N GLY B 304 -22.82 29.68 7.03
CA GLY B 304 -23.27 28.92 8.19
C GLY B 304 -22.29 27.80 8.57
N GLY B 305 -21.48 27.40 7.59
CA GLY B 305 -20.53 26.33 7.78
C GLY B 305 -19.38 26.52 8.75
N ILE B 306 -19.05 25.41 9.42
CA ILE B 306 -17.97 25.38 10.38
C ILE B 306 -16.84 24.56 9.78
N THR B 307 -15.67 25.18 9.66
CA THR B 307 -14.51 24.50 9.10
C THR B 307 -13.39 24.32 10.11
N ILE B 308 -12.42 23.50 9.77
CA ILE B 308 -11.27 23.24 10.64
C ILE B 308 -9.99 23.79 9.98
N LYS B 309 -9.42 24.87 10.50
CA LYS B 309 -8.20 25.38 9.89
C LYS B 309 -7.01 25.02 10.75
N LEU B 310 -6.18 24.13 10.24
CA LEU B 310 -4.97 23.75 10.93
C LEU B 310 -4.08 24.97 11.06
N GLN B 311 -3.80 25.34 12.33
CA GLN B 311 -3.01 26.54 12.54
C GLN B 311 -1.54 26.34 12.16
N SER B 312 -1.25 26.84 10.96
CA SER B 312 0.13 26.96 10.53
C SER B 312 0.48 28.44 10.48
N PRO B 313 1.18 28.93 11.53
CA PRO B 313 1.61 30.31 11.53
C PRO B 313 2.83 30.51 10.64
N GLU B 314 3.13 31.80 10.43
CA GLU B 314 4.06 32.24 9.40
C GLU B 314 5.48 32.40 9.94
N VAL B 315 6.47 32.28 9.02
CA VAL B 315 7.88 32.42 9.40
C VAL B 315 8.58 33.58 8.67
N ARG B 316 8.46 34.78 9.27
CA ARG B 316 9.04 35.99 8.67
C ARG B 316 10.46 35.75 8.10
N SER B 317 11.27 35.03 8.88
CA SER B 317 12.69 34.89 8.56
C SER B 317 12.94 34.30 7.17
N PHE B 318 12.20 33.22 6.87
CA PHE B 318 12.29 32.59 5.56
C PHE B 318 12.21 33.63 4.45
N ASP B 319 11.11 34.39 4.52
CA ASP B 319 10.84 35.41 3.50
C ASP B 319 11.99 36.41 3.36
N ASP B 320 12.47 36.90 4.52
CA ASP B 320 13.62 37.80 4.45
C ASP B 320 14.76 37.17 3.66
N TYR B 321 14.78 35.81 3.67
CA TYR B 321 15.87 35.07 3.05
C TYR B 321 15.60 34.75 1.57
N PHE B 322 14.37 34.26 1.32
CA PHE B 322 14.01 33.81 -0.02
C PHE B 322 14.18 34.91 -1.06
N LEU B 323 13.55 36.06 -0.76
CA LEU B 323 13.56 37.17 -1.69
C LEU B 323 14.97 37.57 -2.13
N LYS B 324 15.87 37.70 -1.14
CA LYS B 324 17.23 38.12 -1.45
C LYS B 324 18.02 37.02 -2.18
N LEU B 325 17.33 36.36 -3.13
CA LEU B 325 18.01 35.30 -3.88
C LEU B 325 18.36 35.76 -5.31
N ARG B 326 19.54 35.33 -5.76
CA ARG B 326 20.02 35.73 -7.07
C ARG B 326 20.46 34.52 -7.91
N LEU B 327 20.04 34.53 -9.19
CA LEU B 327 20.37 33.42 -10.08
C LEU B 327 21.88 33.23 -10.21
N ASP B 328 22.61 34.35 -10.14
CA ASP B 328 24.04 34.25 -10.33
C ASP B 328 24.75 33.50 -9.20
N THR B 329 24.19 33.59 -7.97
CA THR B 329 24.95 33.12 -6.81
C THR B 329 24.42 31.83 -6.14
N ASN B 330 23.10 31.53 -6.31
CA ASN B 330 22.62 30.28 -5.74
C ASN B 330 23.01 29.08 -6.62
N THR B 331 24.15 28.45 -6.27
CA THR B 331 24.61 27.31 -7.06
C THR B 331 24.30 25.97 -6.40
N ARG B 332 24.27 25.90 -5.07
CA ARG B 332 24.00 24.64 -4.36
C ARG B 332 22.69 24.00 -4.78
N ASN B 333 21.68 24.83 -4.97
CA ASN B 333 20.37 24.35 -5.41
C ASN B 333 20.31 24.36 -6.92
N PRO B 334 20.63 23.22 -7.56
CA PRO B 334 20.66 23.01 -9.01
C PRO B 334 19.40 23.31 -9.79
N TRP B 335 18.25 23.35 -9.11
CA TRP B 335 17.00 23.60 -9.82
C TRP B 335 16.69 25.06 -10.16
N PHE B 336 17.29 25.98 -9.41
CA PHE B 336 17.04 27.40 -9.63
C PHE B 336 17.04 27.79 -11.10
N PRO B 337 18.02 27.33 -11.88
CA PRO B 337 17.99 27.72 -13.28
C PRO B 337 16.66 27.32 -13.86
N GLU B 338 16.30 26.05 -13.69
CA GLU B 338 15.03 25.57 -14.19
C GLU B 338 13.92 26.43 -13.61
N PHE B 339 13.91 26.52 -12.29
CA PHE B 339 12.93 27.30 -11.56
C PHE B 339 12.74 28.74 -12.07
N TRP B 340 13.84 29.51 -12.09
CA TRP B 340 13.83 30.91 -12.52
C TRP B 340 12.99 31.17 -13.76
N GLN B 341 13.40 30.60 -14.89
CA GLN B 341 12.65 30.80 -16.12
C GLN B 341 11.14 30.60 -15.93
N HIS B 342 10.73 29.46 -15.39
CA HIS B 342 9.30 29.20 -15.18
C HIS B 342 8.66 30.35 -14.41
N ARG B 343 9.26 30.70 -13.28
CA ARG B 343 8.68 31.75 -12.45
C ARG B 343 8.57 33.10 -13.17
N PHE B 344 9.51 33.34 -14.11
CA PHE B 344 9.52 34.64 -14.80
C PHE B 344 9.29 34.52 -16.32
N GLN B 345 9.13 33.25 -16.78
CA GLN B 345 8.85 32.99 -18.19
C GLN B 345 9.88 33.63 -19.16
N CYS B 346 11.17 33.36 -18.87
CA CYS B 346 12.29 33.80 -19.69
C CYS B 346 13.24 32.65 -19.98
N ARG B 347 14.34 32.96 -20.67
CA ARG B 347 15.26 31.89 -21.01
C ARG B 347 16.72 32.24 -20.73
N LEU B 348 17.46 31.20 -20.31
CA LEU B 348 18.90 31.22 -20.47
C LEU B 348 19.32 30.53 -21.77
N PRO B 349 19.69 31.38 -22.74
CA PRO B 349 20.09 30.88 -24.06
C PRO B 349 21.30 29.94 -23.96
N GLY B 350 21.25 28.87 -24.79
CA GLY B 350 22.43 28.02 -24.97
C GLY B 350 22.77 27.19 -23.72
N HIS B 351 22.00 27.44 -22.64
CA HIS B 351 22.24 26.73 -21.38
C HIS B 351 21.50 25.38 -21.35
N LEU B 352 22.14 24.40 -20.69
CA LEU B 352 21.52 23.08 -20.53
C LEU B 352 20.02 23.19 -20.20
N LEU B 353 19.75 23.60 -18.95
CA LEU B 353 18.36 23.86 -18.56
C LEU B 353 17.76 24.97 -19.42
N GLU B 354 17.39 24.70 -20.67
CA GLU B 354 16.81 25.75 -21.53
C GLU B 354 15.34 25.50 -21.84
N ASN B 355 14.68 26.59 -22.29
CA ASN B 355 13.26 26.58 -22.62
C ASN B 355 12.99 27.14 -24.03
N PRO B 356 12.23 26.35 -24.82
CA PRO B 356 11.90 26.72 -26.20
C PRO B 356 10.59 27.54 -26.27
N ASN B 357 9.85 27.53 -25.13
CA ASN B 357 8.46 27.98 -25.14
C ASN B 357 8.30 29.48 -25.38
N PHE B 358 8.83 30.26 -24.41
CA PHE B 358 8.83 31.71 -24.56
C PHE B 358 10.25 32.20 -24.86
N LYS B 359 10.36 33.45 -25.36
CA LYS B 359 11.64 33.87 -25.89
C LYS B 359 12.22 35.13 -25.23
N LYS B 360 11.48 35.71 -24.29
CA LYS B 360 12.00 36.88 -23.61
C LYS B 360 13.11 36.49 -22.63
N VAL B 361 14.36 36.79 -23.01
CA VAL B 361 15.47 36.40 -22.14
C VAL B 361 15.48 37.20 -20.84
N CYS B 362 16.22 36.66 -19.85
CA CYS B 362 16.16 37.18 -18.48
C CYS B 362 17.15 38.31 -18.23
N THR B 363 16.65 39.34 -17.48
CA THR B 363 17.50 40.46 -17.11
C THR B 363 18.49 40.09 -15.99
N GLY B 364 18.10 39.13 -15.17
CA GLY B 364 18.96 38.69 -14.08
C GLY B 364 18.68 39.46 -12.81
N ASN B 365 17.87 40.51 -12.93
CA ASN B 365 17.51 41.36 -11.80
C ASN B 365 15.98 41.57 -11.70
N GLU B 366 15.24 40.52 -11.32
CA GLU B 366 13.80 40.57 -11.12
C GLU B 366 13.43 40.10 -9.72
N SER B 367 12.48 40.81 -9.10
CA SER B 367 12.09 40.40 -7.75
C SER B 367 10.97 39.36 -7.78
N LEU B 368 11.12 38.36 -6.89
CA LEU B 368 10.04 37.40 -6.73
C LEU B 368 8.88 38.04 -5.97
N GLU B 369 9.12 39.29 -5.53
CA GLU B 369 8.06 40.03 -4.84
C GLU B 369 6.73 39.93 -5.60
N GLU B 370 6.83 39.65 -6.91
CA GLU B 370 5.61 39.56 -7.72
C GLU B 370 4.73 38.36 -7.35
N ASN B 371 3.59 38.68 -6.68
CA ASN B 371 2.61 37.66 -6.28
C ASN B 371 3.17 36.59 -5.34
N TYR B 372 4.31 36.84 -4.71
CA TYR B 372 4.89 35.84 -3.84
C TYR B 372 3.99 35.50 -2.66
N VAL B 373 3.92 34.21 -2.35
CA VAL B 373 3.12 33.72 -1.24
C VAL B 373 3.83 32.53 -0.60
N GLN B 374 4.27 32.73 0.64
CA GLN B 374 4.99 31.70 1.42
C GLN B 374 4.20 30.39 1.55
N ASP B 375 4.85 29.26 1.30
CA ASP B 375 4.23 27.95 1.39
C ASP B 375 3.41 27.89 2.67
N SER B 376 2.20 27.33 2.59
CA SER B 376 1.30 27.27 3.75
C SER B 376 1.66 26.13 4.73
N LYS B 377 2.72 25.37 4.39
CA LYS B 377 3.16 24.29 5.28
C LYS B 377 4.61 24.47 5.74
N MET B 378 5.21 25.57 5.23
CA MET B 378 6.62 25.85 5.53
C MET B 378 7.01 25.51 6.97
N GLY B 379 6.16 25.97 7.91
CA GLY B 379 6.43 25.69 9.31
C GLY B 379 6.80 24.23 9.53
N PHE B 380 5.77 23.35 9.40
CA PHE B 380 6.01 21.93 9.57
C PHE B 380 7.34 21.52 8.95
N VAL B 381 7.57 21.80 7.68
CA VAL B 381 8.83 21.43 7.04
C VAL B 381 9.95 21.64 8.03
N ILE B 382 10.14 22.91 8.39
CA ILE B 382 11.20 23.34 9.28
C ILE B 382 11.22 22.62 10.64
N ASN B 383 10.05 22.57 11.32
CA ASN B 383 10.03 21.93 12.65
C ASN B 383 10.48 20.47 12.57
N ALA B 384 10.23 19.87 11.40
CA ALA B 384 10.75 18.54 11.18
C ALA B 384 12.28 18.55 11.21
N ILE B 385 12.83 19.43 10.33
CA ILE B 385 14.27 19.60 10.25
C ILE B 385 14.91 19.70 11.63
N TYR B 386 14.44 20.71 12.39
CA TYR B 386 14.96 20.88 13.73
C TYR B 386 14.93 19.57 14.51
N ALA B 387 13.71 18.99 14.58
CA ALA B 387 13.56 17.73 15.31
C ALA B 387 14.69 16.75 14.98
N MET B 388 14.99 16.64 13.68
CA MET B 388 16.02 15.70 13.22
C MET B 388 17.42 16.08 13.73
N ALA B 389 17.52 17.32 14.23
CA ALA B 389 18.80 17.76 14.76
C ALA B 389 18.88 17.54 16.28
N HIS B 390 17.77 17.84 16.95
CA HIS B 390 17.69 17.66 18.38
C HIS B 390 18.02 16.23 18.75
N GLY B 391 17.46 15.31 17.98
CA GLY B 391 17.74 13.91 18.24
C GLY B 391 19.24 13.66 18.26
N LEU B 392 19.91 13.96 17.14
CA LEU B 392 21.35 13.81 17.08
C LEU B 392 22.00 14.49 18.28
N GLN B 393 21.58 15.74 18.50
CA GLN B 393 22.13 16.53 19.59
C GLN B 393 21.91 15.86 20.94
N ASN B 394 20.62 15.58 21.23
CA ASN B 394 20.36 15.01 22.54
C ASN B 394 21.00 13.62 22.69
N MET B 395 21.09 12.90 21.56
CA MET B 395 21.77 11.59 21.57
C MET B 395 23.26 11.72 21.90
N HIS B 396 23.88 12.75 21.30
CA HIS B 396 25.32 12.96 21.46
C HIS B 396 25.67 13.45 22.87
N HIS B 397 24.62 13.91 23.57
CA HIS B 397 24.81 14.24 24.98
C HIS B 397 24.95 12.95 25.79
N ALA B 398 24.18 11.93 25.35
CA ALA B 398 24.19 10.65 26.04
C ALA B 398 25.30 9.71 25.57
N LEU B 399 25.34 9.48 24.24
CA LEU B 399 26.32 8.52 23.73
C LEU B 399 27.71 9.15 23.55
N CYS B 400 27.78 10.49 23.62
CA CYS B 400 29.06 11.19 23.48
C CYS B 400 29.25 12.26 24.56
N PRO B 401 29.45 11.83 25.82
CA PRO B 401 29.62 12.75 26.94
C PRO B 401 31.01 13.39 26.96
N GLY B 402 31.03 14.71 27.19
CA GLY B 402 32.30 15.40 27.37
C GLY B 402 33.11 15.50 26.08
N HIS B 403 32.62 14.81 25.04
CA HIS B 403 33.26 14.83 23.73
C HIS B 403 32.83 16.05 22.91
N VAL B 404 33.80 16.68 22.20
CA VAL B 404 33.47 17.91 21.48
C VAL B 404 32.68 17.66 20.20
N GLY B 405 33.31 16.92 19.27
CA GLY B 405 32.57 16.58 18.05
C GLY B 405 31.83 15.27 18.22
N LEU B 406 31.88 14.42 17.17
CA LEU B 406 31.30 13.10 17.30
C LEU B 406 32.29 12.12 17.93
N CYS B 407 31.80 11.39 18.93
CA CYS B 407 32.61 10.34 19.54
C CYS B 407 32.23 8.95 18.99
N ASP B 408 33.18 8.01 19.10
CA ASP B 408 33.06 6.74 18.41
C ASP B 408 31.67 6.10 18.45
N ALA B 409 30.96 6.24 19.60
CA ALA B 409 29.65 5.58 19.69
C ALA B 409 28.67 6.08 18.63
N MET B 410 28.95 7.28 18.12
CA MET B 410 28.14 7.91 17.09
C MET B 410 28.74 7.72 15.69
N LYS B 411 29.92 7.07 15.66
CA LYS B 411 30.58 6.82 14.39
C LYS B 411 30.64 5.32 14.06
N PRO B 412 29.74 4.85 13.17
CA PRO B 412 28.75 5.70 12.54
C PRO B 412 27.47 5.78 13.37
N ILE B 413 26.51 6.57 12.86
CA ILE B 413 25.24 6.74 13.57
C ILE B 413 24.39 5.47 13.54
N ASP B 414 24.05 4.96 14.75
CA ASP B 414 23.14 3.83 14.85
C ASP B 414 21.67 4.27 14.87
N GLY B 415 20.97 3.96 13.76
CA GLY B 415 19.63 4.50 13.51
C GLY B 415 18.59 3.98 14.53
N ARG B 416 18.66 2.67 14.83
CA ARG B 416 17.71 2.09 15.77
C ARG B 416 17.72 2.83 17.11
N LYS B 417 18.90 3.43 17.40
CA LYS B 417 19.07 4.20 18.63
C LYS B 417 18.61 5.64 18.44
N LEU B 418 19.09 6.22 17.33
CA LEU B 418 18.67 7.58 17.01
C LEU B 418 17.16 7.71 17.14
N LEU B 419 16.50 6.55 16.95
CA LEU B 419 15.03 6.52 17.01
C LEU B 419 14.51 6.82 18.42
N ASP B 420 15.06 6.07 19.40
CA ASP B 420 14.66 6.30 20.77
C ASP B 420 15.11 7.69 21.24
N PHE B 421 16.19 8.18 20.61
CA PHE B 421 16.70 9.49 20.98
C PHE B 421 15.83 10.62 20.40
N LEU B 422 15.25 10.35 19.20
CA LEU B 422 14.35 11.32 18.58
C LEU B 422 13.00 11.36 19.28
N ILE B 423 12.34 10.18 19.26
CA ILE B 423 11.01 10.05 19.83
C ILE B 423 10.88 10.75 21.18
N LYS B 424 11.86 10.53 22.05
CA LYS B 424 11.86 11.14 23.36
C LYS B 424 12.57 12.48 23.33
N SER B 425 12.42 13.21 22.23
CA SER B 425 13.00 14.55 22.06
C SER B 425 11.90 15.61 21.88
N SER B 426 12.23 16.86 22.29
CA SER B 426 11.20 17.89 22.30
C SER B 426 11.79 19.31 22.42
N PHE B 427 11.14 20.24 21.69
CA PHE B 427 11.63 21.62 21.63
C PHE B 427 10.49 22.62 21.41
N VAL B 428 10.86 23.91 21.43
CA VAL B 428 9.95 24.95 20.96
C VAL B 428 10.07 25.12 19.45
N GLY B 429 9.01 25.68 18.82
CA GLY B 429 8.96 25.67 17.36
C GLY B 429 9.65 26.88 16.73
N VAL B 430 9.29 27.11 15.44
CA VAL B 430 9.74 28.31 14.77
C VAL B 430 8.62 29.36 14.75
N SER B 431 7.60 29.07 15.55
CA SER B 431 6.43 29.95 15.69
C SER B 431 6.10 30.09 17.17
N GLY B 432 6.81 29.34 18.00
CA GLY B 432 6.58 29.40 19.44
C GLY B 432 5.88 28.16 19.96
N GLU B 433 5.36 27.35 19.03
CA GLU B 433 4.64 26.12 19.35
C GLU B 433 5.59 25.15 20.00
N GLU B 434 5.07 24.18 20.73
CA GLU B 434 5.93 23.18 21.36
C GLU B 434 5.79 21.86 20.61
N VAL B 435 6.89 21.18 20.32
CA VAL B 435 6.84 19.93 19.57
C VAL B 435 7.41 18.71 20.27
N TRP B 436 6.82 17.57 19.99
CA TRP B 436 7.25 16.32 20.60
C TRP B 436 6.52 15.19 19.92
N PHE B 437 6.75 13.96 20.37
CA PHE B 437 6.12 12.80 19.74
C PHE B 437 5.62 11.81 20.79
N ASP B 438 4.39 11.30 20.61
CA ASP B 438 3.99 10.23 21.52
C ASP B 438 4.68 8.91 21.17
N GLU B 439 4.48 7.90 22.03
CA GLU B 439 5.17 6.63 21.81
C GLU B 439 4.96 6.16 20.37
N LYS B 440 3.68 6.07 19.97
CA LYS B 440 3.38 5.72 18.59
C LYS B 440 4.33 6.44 17.63
N GLY B 441 4.11 7.76 17.53
CA GLY B 441 4.96 8.58 16.67
C GLY B 441 4.28 9.90 16.28
N ASP B 442 3.10 10.15 16.89
CA ASP B 442 2.34 11.34 16.51
C ASP B 442 2.49 12.49 17.53
N ALA B 443 2.19 13.66 16.99
CA ALA B 443 2.36 14.91 17.71
C ALA B 443 1.08 15.61 18.14
N PRO B 444 1.17 16.88 18.54
CA PRO B 444 -0.02 17.58 18.96
C PRO B 444 -0.82 18.08 17.79
N GLY B 445 -1.78 18.93 18.11
CA GLY B 445 -2.62 19.52 17.11
C GLY B 445 -3.17 20.78 17.72
N ARG B 446 -3.30 21.81 16.89
CA ARG B 446 -3.85 23.12 17.27
C ARG B 446 -4.81 23.52 16.16
N TYR B 447 -6.09 23.72 16.48
CA TYR B 447 -7.00 24.08 15.43
C TYR B 447 -7.88 25.30 15.62
N ASP B 448 -8.03 26.06 14.53
CA ASP B 448 -8.85 27.25 14.51
C ASP B 448 -10.21 26.90 13.94
N ILE B 449 -11.27 27.31 14.64
CA ILE B 449 -12.60 27.03 14.18
C ILE B 449 -13.11 28.23 13.42
N MET B 450 -13.24 28.07 12.11
CA MET B 450 -13.72 29.14 11.24
C MET B 450 -15.20 28.97 10.92
N ASN B 451 -15.90 30.10 10.85
CA ASN B 451 -17.31 30.13 10.50
C ASN B 451 -17.48 31.15 9.37
N LEU B 452 -18.36 30.87 8.41
CA LEU B 452 -18.57 31.80 7.32
C LEU B 452 -19.90 32.51 7.54
N GLN B 453 -19.85 33.85 7.58
CA GLN B 453 -21.04 34.65 7.83
C GLN B 453 -21.03 35.92 6.99
N TYR B 454 -22.14 36.66 7.03
CA TYR B 454 -22.29 37.89 6.29
C TYR B 454 -21.74 39.08 7.08
N THR B 455 -20.59 39.58 6.64
CA THR B 455 -19.93 40.70 7.29
C THR B 455 -20.80 41.93 7.38
N GLU B 456 -20.28 42.94 8.07
CA GLU B 456 -20.96 44.21 8.22
C GLU B 456 -20.80 44.99 6.91
N ALA B 457 -20.15 44.29 5.96
CA ALA B 457 -19.95 44.82 4.62
C ALA B 457 -20.48 43.85 3.56
N ASN B 458 -20.65 44.36 2.32
CA ASN B 458 -21.26 43.54 1.28
C ASN B 458 -20.32 42.41 0.80
N ARG B 459 -19.94 41.57 1.77
CA ARG B 459 -19.05 40.44 1.49
C ARG B 459 -19.20 39.41 2.61
N TYR B 460 -18.78 38.16 2.34
CA TYR B 460 -18.79 37.06 3.30
C TYR B 460 -17.38 36.70 3.79
N ASP B 461 -17.10 36.72 5.12
CA ASP B 461 -15.74 36.40 5.59
C ASP B 461 -15.71 35.13 6.47
N TYR B 462 -14.56 34.48 6.50
CA TYR B 462 -14.38 33.32 7.35
C TYR B 462 -14.08 33.88 8.74
N VAL B 463 -15.10 34.01 9.58
CA VAL B 463 -14.93 34.54 10.94
C VAL B 463 -14.31 33.52 11.91
N HIS B 464 -13.32 33.96 12.69
CA HIS B 464 -12.71 33.08 13.67
C HIS B 464 -13.71 32.95 14.82
N VAL B 465 -14.08 31.72 15.17
CA VAL B 465 -15.08 31.53 16.23
C VAL B 465 -14.76 30.49 17.30
N GLY B 466 -13.49 30.16 17.46
CA GLY B 466 -13.12 29.18 18.46
C GLY B 466 -11.89 28.36 18.14
N THR B 467 -11.43 27.59 19.12
CA THR B 467 -10.24 26.77 18.94
C THR B 467 -10.19 25.45 19.69
N TRP B 468 -9.51 24.50 19.06
CA TRP B 468 -9.30 23.17 19.59
C TRP B 468 -7.80 23.07 19.81
N HIS B 469 -7.40 23.24 21.06
CA HIS B 469 -6.00 23.27 21.48
C HIS B 469 -5.50 22.08 22.31
N GLU B 470 -5.03 21.04 21.62
CA GLU B 470 -4.54 19.86 22.32
C GLU B 470 -5.57 19.33 23.31
N GLY B 471 -6.60 18.70 22.75
CA GLY B 471 -7.67 18.09 23.52
C GLY B 471 -8.76 19.02 24.01
N VAL B 472 -8.62 20.31 23.73
CA VAL B 472 -9.61 21.23 24.24
C VAL B 472 -10.27 22.19 23.28
N LEU B 473 -11.60 22.18 23.31
CA LEU B 473 -12.35 23.05 22.44
C LEU B 473 -12.78 24.30 23.19
N ASN B 474 -12.90 25.40 22.45
CA ASN B 474 -13.32 26.69 23.00
C ASN B 474 -14.32 27.34 22.04
N ILE B 475 -15.62 27.16 22.31
CA ILE B 475 -16.63 27.74 21.43
C ILE B 475 -17.11 29.11 21.90
N ASP B 476 -17.74 29.82 20.94
CA ASP B 476 -18.33 31.12 21.25
C ASP B 476 -19.85 31.04 21.14
N ASP B 477 -20.52 30.94 22.29
CA ASP B 477 -21.94 30.65 22.26
C ASP B 477 -22.77 31.86 21.78
N TYR B 478 -22.05 32.94 21.43
CA TYR B 478 -22.75 34.11 20.88
C TYR B 478 -21.94 34.77 19.77
N LYS B 479 -21.01 33.99 19.18
CA LYS B 479 -20.22 34.50 18.07
C LYS B 479 -20.42 33.64 16.82
N ILE B 480 -21.56 32.93 16.80
CA ILE B 480 -21.93 32.14 15.64
C ILE B 480 -23.33 32.50 15.15
#